data_5F0P
#
_entry.id   5F0P
#
_cell.length_a   371.290
_cell.length_b   75.320
_cell.length_c   57.270
_cell.angle_alpha   90.000
_cell.angle_beta   97.660
_cell.angle_gamma   90.000
#
_symmetry.space_group_name_H-M   'C 1 2 1'
#
loop_
_entity.id
_entity.type
_entity.pdbx_description
1 polymer 'Vacuolar protein sorting-associated protein 35'
2 polymer 'Vacuolar protein sorting-associated protein 26A'
3 polymer 'Sorting nexin-3'
4 polymer 'Natural resistance-associated macrophage protein 2'
5 non-polymer 'SULFATE ION'
6 non-polymer GLYCEROL
7 non-polymer 1,2-ETHANEDIOL
8 non-polymer 'ZINC ION'
9 water water
#
loop_
_entity_poly.entity_id
_entity_poly.type
_entity_poly.pdbx_seq_one_letter_code
_entity_poly.pdbx_strand_id
1 'polypeptide(L)'
;GAMGSKLLDEAIQAVKVQSFQMKRCLDKNKLMDALKHASNMLGELRTSMLSPKSYYELYMAISDELHYLEVYLTDEFAKG
RKVADLYELVQYAGNIIPRLYLLITVGVVYVKSFPQSRKDILKDLVEMCRGVQHPLRGLFLRNYLLQCTRNILPDEGEPT
DEETTGDISDSMDFVLLNFAEMNKLWVRMQHQGHSRDREKRERERQELRILVGTNLVRLSQLEGVNVERYKQIVLTGILE
QVVNCRDALAQEYLMECIIQVFPDEFHLQTLNPFLRACAELHQNVNVKNIIIALIDRLALFAHREDGPGIPADIKLFDIF
SQQVATVIQSRQDMPSEDVVSLQVSLINLAMKCYPDRVDYVDKVLETTVEIFNKLNLEHIATSSAVSKELTRLLKIPVDT
YNNILTVLKLKHFHPLFEYFDYESRKSMSCYVLSNVLDYNTEIVSQDQVDSIMNLVSTLIQD
;
A
2 'polypeptide(L)'
;(MSE)SFLGGFFGPICEIDIVLNDGETRK(MSE)AE(MSE)KTEDGKVEKHYLFYDGESVSGKVNLAFKQPGKRLEHQGI
RIEFVGQIELFNDKSNTHEFVNLVKELALPGELTQSRSYDFEF(MSE)QVEKPYESYIGANVRLRYFLKVTIVRRLTDLV
KEYDLIVHQLATYPDVNNSIK(MSE)EVGIEDCLHIEFEYNKSKYHLKDVIVGKIYFLLVRIKIQH(MSE)ELQLIKKEI
TGIGPSTTTETETIAKYEI(MSE)DGAPVKGESIPIRLFLAGYDPTPT(MSE)RDVNKKFSVRYFLNLVLVDEEDRRYFK
QQEIILWRKAPEKLRKQRTNFHQRFESPESQAS
;
B
3 'polypeptide(L)'
;GAMGSMAETVADTRRLITKPQNLNDAYGPPSNFLEIDVSNPQTVGVGRGRFTTYEIRVKTNLPIFKLKESTVRRRYSDFE
WLRSELERESKVVVPPLPGKAFLRQLPFRGDDGIFDDNFIEERKQGLEQFINKVAGHPLAQNERCLHMFLQDEIIDKSYT
PSKIRHA
;
C
4 'polypeptide(L)' TAQPELYL(MSE)NT(MSE)SHHHHH D
#
# COMPACT_ATOMS: atom_id res chain seq x y z
N GLY A 4 19.74 -4.77 -17.86
CA GLY A 4 19.99 -6.23 -18.08
C GLY A 4 18.76 -6.97 -18.59
N SER A 5 17.62 -6.76 -17.91
CA SER A 5 16.35 -7.48 -18.16
C SER A 5 16.35 -8.95 -17.68
N LYS A 6 17.34 -9.33 -16.88
CA LYS A 6 17.48 -10.70 -16.36
C LYS A 6 16.52 -10.88 -15.20
N LEU A 7 16.54 -9.89 -14.30
CA LEU A 7 15.67 -9.82 -13.12
C LEU A 7 14.27 -10.35 -13.37
N LEU A 8 13.66 -9.87 -14.45
CA LEU A 8 12.32 -10.31 -14.86
C LEU A 8 12.28 -11.82 -15.11
N ASP A 9 13.22 -12.31 -15.92
CA ASP A 9 13.25 -13.73 -16.28
C ASP A 9 13.55 -14.63 -15.08
N GLU A 10 14.52 -14.21 -14.26
CA GLU A 10 14.87 -14.93 -13.03
C GLU A 10 13.66 -15.04 -12.09
N ALA A 11 12.91 -13.95 -11.97
CA ALA A 11 11.69 -13.91 -11.17
C ALA A 11 10.61 -14.84 -11.75
N ILE A 12 10.37 -14.76 -13.05
CA ILE A 12 9.36 -15.61 -13.70
C ILE A 12 9.77 -17.10 -13.64
N GLN A 13 11.07 -17.37 -13.60
CA GLN A 13 11.56 -18.74 -13.40
C GLN A 13 11.18 -19.24 -12.01
N ALA A 14 11.56 -18.47 -10.99
CA ALA A 14 11.28 -18.80 -9.58
C ALA A 14 9.79 -18.98 -9.30
N VAL A 15 8.96 -18.15 -9.93
CA VAL A 15 7.50 -18.29 -9.87
C VAL A 15 7.09 -19.67 -10.36
N LYS A 16 7.62 -20.06 -11.52
CA LYS A 16 7.30 -21.35 -12.11
C LYS A 16 7.76 -22.54 -11.28
N VAL A 17 8.87 -22.38 -10.56
CA VAL A 17 9.34 -23.41 -9.61
C VAL A 17 8.34 -23.55 -8.46
N GLN A 18 7.97 -22.43 -7.85
CA GLN A 18 7.09 -22.41 -6.67
C GLN A 18 5.64 -22.77 -6.99
N SER A 19 5.16 -22.32 -8.14
CA SER A 19 3.79 -22.65 -8.60
C SER A 19 3.67 -24.10 -9.09
N PHE A 20 4.79 -24.72 -9.45
CA PHE A 20 4.83 -26.16 -9.70
C PHE A 20 4.68 -26.90 -8.37
N GLN A 21 5.52 -26.56 -7.38
CA GLN A 21 5.45 -27.14 -6.04
C GLN A 21 4.15 -26.80 -5.28
N MET A 22 3.50 -25.71 -5.66
CA MET A 22 2.19 -25.35 -5.11
C MET A 22 1.12 -26.36 -5.55
N LYS A 23 0.96 -26.52 -6.86
CA LYS A 23 -0.04 -27.45 -7.42
C LYS A 23 0.24 -28.90 -7.02
N ARG A 24 1.52 -29.26 -6.93
CA ARG A 24 1.96 -30.54 -6.35
C ARG A 24 1.30 -30.80 -4.99
N CYS A 25 1.37 -29.82 -4.09
CA CYS A 25 0.77 -29.93 -2.75
C CYS A 25 -0.77 -29.90 -2.80
N LEU A 26 -1.32 -29.11 -3.71
CA LEU A 26 -2.77 -29.06 -3.93
C LEU A 26 -3.32 -30.38 -4.49
N ASP A 27 -2.53 -31.08 -5.31
CA ASP A 27 -2.86 -32.44 -5.79
C ASP A 27 -2.84 -33.47 -4.64
N LYS A 28 -1.88 -33.32 -3.73
CA LYS A 28 -1.79 -34.17 -2.53
C LYS A 28 -2.71 -33.75 -1.38
N ASN A 29 -3.38 -32.59 -1.54
CA ASN A 29 -4.27 -31.99 -0.52
C ASN A 29 -3.56 -31.53 0.76
N LYS A 30 -2.32 -31.04 0.61
CA LYS A 30 -1.54 -30.43 1.70
C LYS A 30 -1.58 -28.91 1.57
N LEU A 31 -2.65 -28.31 2.09
CA LEU A 31 -2.97 -26.91 1.80
C LEU A 31 -1.96 -25.94 2.39
N MET A 32 -1.70 -26.05 3.70
CA MET A 32 -0.81 -25.09 4.37
C MET A 32 0.59 -25.09 3.78
N ASP A 33 1.03 -26.25 3.29
CA ASP A 33 2.30 -26.36 2.54
C ASP A 33 2.21 -25.67 1.16
N ALA A 34 1.04 -25.74 0.52
CA ALA A 34 0.78 -25.02 -0.74
C ALA A 34 0.79 -23.49 -0.57
N LEU A 35 0.16 -23.02 0.50
CA LEU A 35 0.13 -21.60 0.83
C LEU A 35 1.52 -21.04 1.19
N LYS A 36 2.44 -21.89 1.62
CA LYS A 36 3.83 -21.46 1.86
C LYS A 36 4.55 -21.18 0.53
N HIS A 37 4.28 -21.98 -0.49
CA HIS A 37 4.83 -21.76 -1.83
C HIS A 37 4.14 -20.60 -2.54
N ALA A 38 2.82 -20.51 -2.39
CA ALA A 38 2.05 -19.36 -2.87
C ALA A 38 2.61 -18.04 -2.33
N SER A 39 2.96 -18.05 -1.04
CA SER A 39 3.61 -16.91 -0.38
C SER A 39 4.98 -16.60 -0.97
N ASN A 40 5.77 -17.64 -1.22
CA ASN A 40 7.10 -17.48 -1.83
C ASN A 40 7.01 -16.96 -3.26
N MET A 41 6.02 -17.45 -4.01
CA MET A 41 5.70 -16.92 -5.34
C MET A 41 5.36 -15.42 -5.25
N LEU A 42 4.45 -15.09 -4.33
CA LEU A 42 4.02 -13.70 -4.11
C LEU A 42 5.11 -12.77 -3.58
N GLY A 43 6.13 -13.35 -2.95
CA GLY A 43 7.32 -12.60 -2.57
C GLY A 43 7.98 -11.85 -3.71
N GLU A 44 7.85 -12.37 -4.94
CA GLU A 44 8.42 -11.74 -6.14
C GLU A 44 7.81 -10.38 -6.47
N LEU A 45 6.55 -10.16 -6.08
CA LEU A 45 5.89 -8.86 -6.24
C LEU A 45 6.36 -7.76 -5.26
N ARG A 46 7.24 -8.10 -4.33
CA ARG A 46 7.76 -7.13 -3.35
C ARG A 46 8.87 -6.24 -3.90
N THR A 47 9.54 -6.68 -4.97
CA THR A 47 10.66 -5.94 -5.59
C THR A 47 10.31 -4.52 -6.03
N SER A 48 11.33 -3.65 -6.05
CA SER A 48 11.22 -2.32 -6.65
C SER A 48 12.05 -2.17 -7.93
N MET A 49 12.83 -3.20 -8.29
CA MET A 49 13.83 -3.09 -9.36
C MET A 49 13.26 -3.19 -10.78
N LEU A 50 12.06 -3.77 -10.94
CA LEU A 50 11.43 -3.87 -12.26
C LEU A 50 10.79 -2.55 -12.70
N SER A 51 10.71 -2.36 -14.02
CA SER A 51 9.96 -1.26 -14.60
C SER A 51 8.46 -1.59 -14.52
N PRO A 52 7.60 -0.60 -14.79
CA PRO A 52 6.16 -0.89 -14.87
C PRO A 52 5.77 -1.97 -15.88
N LYS A 53 6.45 -2.01 -17.03
CA LYS A 53 6.17 -3.04 -18.05
C LYS A 53 6.61 -4.43 -17.58
N SER A 54 7.85 -4.52 -17.10
CA SER A 54 8.40 -5.77 -16.58
C SER A 54 7.54 -6.30 -15.43
N TYR A 55 7.26 -5.42 -14.45
CA TYR A 55 6.42 -5.74 -13.30
C TYR A 55 5.03 -6.22 -13.75
N TYR A 56 4.45 -5.56 -14.75
CA TYR A 56 3.16 -5.98 -15.30
C TYR A 56 3.19 -7.43 -15.79
N GLU A 57 4.29 -7.82 -16.43
CA GLU A 57 4.46 -9.20 -16.92
C GLU A 57 4.52 -10.20 -15.75
N LEU A 58 5.33 -9.86 -14.75
CA LEU A 58 5.45 -10.64 -13.52
C LEU A 58 4.11 -10.79 -12.78
N TYR A 59 3.33 -9.70 -12.74
CA TYR A 59 1.99 -9.71 -12.13
C TYR A 59 1.08 -10.73 -12.79
N MET A 60 1.02 -10.67 -14.13
CA MET A 60 0.15 -11.54 -14.92
C MET A 60 0.52 -13.02 -14.79
N ALA A 61 1.82 -13.30 -14.71
CA ALA A 61 2.30 -14.65 -14.43
C ALA A 61 1.77 -15.16 -13.08
N ILE A 62 1.95 -14.34 -12.03
CA ILE A 62 1.53 -14.70 -10.67
C ILE A 62 0.01 -14.71 -10.51
N SER A 63 -0.67 -13.79 -11.20
CA SER A 63 -2.14 -13.75 -11.20
C SER A 63 -2.75 -15.03 -11.76
N ASP A 64 -2.18 -15.52 -12.85
CA ASP A 64 -2.65 -16.75 -13.52
C ASP A 64 -2.44 -17.98 -12.63
N GLU A 65 -1.34 -18.02 -11.88
CA GLU A 65 -1.10 -19.10 -10.92
C GLU A 65 -2.02 -19.00 -9.70
N LEU A 66 -2.23 -17.79 -9.19
CA LEU A 66 -3.18 -17.59 -8.08
C LEU A 66 -4.60 -18.07 -8.39
N HIS A 67 -4.99 -18.07 -9.66
CA HIS A 67 -6.30 -18.58 -10.05
C HIS A 67 -6.45 -20.09 -9.79
N TYR A 68 -5.38 -20.85 -9.99
CA TYR A 68 -5.38 -22.30 -9.71
C TYR A 68 -5.60 -22.58 -8.22
N LEU A 69 -5.06 -21.70 -7.36
CA LEU A 69 -5.33 -21.74 -5.92
C LEU A 69 -6.77 -21.30 -5.62
N GLU A 70 -7.23 -20.22 -6.26
CA GLU A 70 -8.58 -19.69 -6.00
C GLU A 70 -9.67 -20.68 -6.38
N VAL A 71 -9.52 -21.32 -7.53
CA VAL A 71 -10.47 -22.35 -7.99
C VAL A 71 -10.38 -23.64 -7.14
N TYR A 72 -9.18 -24.00 -6.70
CA TYR A 72 -9.01 -25.13 -5.77
C TYR A 72 -9.84 -24.92 -4.51
N LEU A 73 -9.67 -23.76 -3.87
CA LEU A 73 -10.43 -23.40 -2.65
C LEU A 73 -11.94 -23.33 -2.89
N THR A 74 -12.35 -22.68 -3.98
CA THR A 74 -13.78 -22.47 -4.24
C THR A 74 -14.53 -23.81 -4.40
N ASP A 75 -13.92 -24.76 -5.12
CA ASP A 75 -14.48 -26.10 -5.30
C ASP A 75 -14.54 -26.86 -3.97
N GLU A 76 -13.38 -26.96 -3.31
CA GLU A 76 -13.27 -27.52 -1.95
C GLU A 76 -14.36 -27.03 -1.00
N PHE A 77 -14.56 -25.71 -0.97
CA PHE A 77 -15.59 -25.07 -0.12
C PHE A 77 -17.02 -25.39 -0.60
N ALA A 78 -17.21 -25.45 -1.91
CA ALA A 78 -18.50 -25.82 -2.52
C ALA A 78 -18.90 -27.28 -2.27
N LYS A 79 -17.91 -28.16 -2.15
CA LYS A 79 -18.12 -29.58 -1.86
C LYS A 79 -18.31 -29.92 -0.37
N GLY A 80 -18.43 -28.91 0.51
CA GLY A 80 -18.66 -29.14 1.94
C GLY A 80 -17.42 -29.21 2.83
N ARG A 81 -16.25 -29.44 2.23
CA ARG A 81 -14.98 -29.53 2.96
C ARG A 81 -14.31 -28.15 3.02
N LYS A 82 -14.91 -27.29 3.84
CA LYS A 82 -14.45 -25.91 4.00
C LYS A 82 -13.34 -25.85 5.05
N VAL A 83 -12.23 -25.21 4.72
CA VAL A 83 -11.11 -25.06 5.64
C VAL A 83 -11.41 -23.97 6.68
N ALA A 84 -11.31 -24.34 7.95
CA ALA A 84 -11.61 -23.45 9.05
C ALA A 84 -10.49 -22.44 9.27
N ASP A 85 -10.88 -21.24 9.69
CA ASP A 85 -9.95 -20.14 10.03
C ASP A 85 -9.01 -19.71 8.88
N LEU A 86 -9.37 -20.00 7.63
CA LEU A 86 -8.45 -19.73 6.50
C LEU A 86 -8.22 -18.24 6.29
N TYR A 87 -9.28 -17.45 6.50
CA TYR A 87 -9.21 -15.98 6.45
C TYR A 87 -8.19 -15.42 7.43
N GLU A 88 -8.24 -15.94 8.66
CA GLU A 88 -7.28 -15.61 9.72
C GLU A 88 -5.87 -16.13 9.39
N LEU A 89 -5.79 -17.39 8.97
CA LEU A 89 -4.50 -18.06 8.83
C LEU A 89 -3.57 -17.41 7.84
N VAL A 90 -4.10 -17.01 6.69
CA VAL A 90 -3.28 -16.34 5.65
C VAL A 90 -2.72 -14.99 6.09
N GLN A 91 -3.36 -14.35 7.07
CA GLN A 91 -2.85 -13.10 7.62
C GLN A 91 -1.60 -13.26 8.49
N TYR A 92 -1.20 -14.50 8.79
CA TYR A 92 0.01 -14.74 9.60
C TYR A 92 1.29 -14.35 8.86
N ALA A 93 1.27 -14.37 7.52
CA ALA A 93 2.42 -14.03 6.68
C ALA A 93 3.05 -12.71 7.09
N GLY A 94 4.36 -12.72 7.27
CA GLY A 94 5.09 -11.57 7.81
C GLY A 94 5.18 -10.38 6.88
N ASN A 95 5.34 -10.65 5.59
CA ASN A 95 5.39 -9.59 4.59
C ASN A 95 3.97 -9.29 4.11
N ILE A 96 3.71 -7.99 3.94
CA ILE A 96 2.35 -7.49 3.66
C ILE A 96 1.82 -7.78 2.24
N ILE A 97 2.69 -7.76 1.24
CA ILE A 97 2.26 -8.00 -0.15
C ILE A 97 1.73 -9.43 -0.33
N PRO A 98 2.53 -10.46 0.01
CA PRO A 98 1.99 -11.83 -0.03
C PRO A 98 0.72 -11.99 0.81
N ARG A 99 0.73 -11.41 2.01
CA ARG A 99 -0.39 -11.50 2.93
C ARG A 99 -1.69 -11.00 2.30
N LEU A 100 -1.65 -9.82 1.70
CA LEU A 100 -2.86 -9.18 1.18
C LEU A 100 -3.36 -9.80 -0.13
N TYR A 101 -2.45 -10.24 -1.00
CA TYR A 101 -2.84 -11.02 -2.20
C TYR A 101 -3.52 -12.31 -1.79
N LEU A 102 -2.99 -12.97 -0.76
CA LEU A 102 -3.60 -14.17 -0.20
C LEU A 102 -4.95 -13.87 0.46
N LEU A 103 -5.00 -12.80 1.24
CA LEU A 103 -6.22 -12.40 1.92
C LEU A 103 -7.36 -12.12 0.94
N ILE A 104 -7.07 -11.40 -0.14
CA ILE A 104 -8.05 -11.13 -1.19
C ILE A 104 -8.53 -12.42 -1.85
N THR A 105 -7.58 -13.31 -2.19
CA THR A 105 -7.90 -14.60 -2.79
C THR A 105 -8.84 -15.41 -1.89
N VAL A 106 -8.50 -15.55 -0.62
CA VAL A 106 -9.35 -16.28 0.32
C VAL A 106 -10.65 -15.52 0.57
N GLY A 107 -10.58 -14.18 0.55
CA GLY A 107 -11.75 -13.34 0.75
C GLY A 107 -12.91 -13.62 -0.19
N VAL A 108 -12.63 -13.65 -1.51
CA VAL A 108 -13.67 -13.91 -2.52
C VAL A 108 -14.28 -15.31 -2.41
N VAL A 109 -13.46 -16.28 -2.00
CA VAL A 109 -13.94 -17.64 -1.71
C VAL A 109 -14.95 -17.60 -0.55
N TYR A 110 -14.65 -16.85 0.50
CA TYR A 110 -15.58 -16.65 1.61
C TYR A 110 -16.87 -15.95 1.20
N VAL A 111 -16.78 -14.99 0.28
CA VAL A 111 -17.96 -14.26 -0.17
C VAL A 111 -18.93 -15.19 -0.90
N LYS A 112 -18.40 -16.00 -1.82
CA LYS A 112 -19.19 -17.02 -2.52
C LYS A 112 -19.72 -18.07 -1.55
N SER A 113 -18.84 -18.62 -0.72
CA SER A 113 -19.22 -19.71 0.19
C SER A 113 -20.06 -19.27 1.40
N PHE A 114 -19.85 -18.04 1.89
CA PHE A 114 -20.61 -17.50 3.03
C PHE A 114 -21.21 -16.15 2.67
N PRO A 115 -22.35 -16.15 1.95
CA PRO A 115 -22.98 -14.89 1.54
C PRO A 115 -23.34 -13.92 2.68
N GLN A 116 -23.58 -14.46 3.88
CA GLN A 116 -23.82 -13.62 5.07
C GLN A 116 -22.66 -12.66 5.41
N SER A 117 -21.43 -13.06 5.07
CA SER A 117 -20.22 -12.27 5.34
C SER A 117 -19.83 -11.27 4.23
N ARG A 118 -20.66 -11.14 3.19
CA ARG A 118 -20.25 -10.48 1.94
C ARG A 118 -19.94 -9.01 2.14
N LYS A 119 -20.86 -8.30 2.77
CA LYS A 119 -20.69 -6.88 3.02
C LYS A 119 -19.40 -6.60 3.79
N ASP A 120 -19.20 -7.34 4.88
CA ASP A 120 -18.05 -7.13 5.77
C ASP A 120 -16.72 -7.46 5.12
N ILE A 121 -16.65 -8.58 4.40
CA ILE A 121 -15.38 -9.01 3.79
C ILE A 121 -14.92 -8.06 2.69
N LEU A 122 -15.84 -7.63 1.82
CA LEU A 122 -15.49 -6.66 0.78
C LEU A 122 -15.03 -5.36 1.42
N LYS A 123 -15.80 -4.85 2.37
CA LYS A 123 -15.44 -3.65 3.11
C LYS A 123 -14.09 -3.82 3.81
N ASP A 124 -13.80 -5.02 4.28
CA ASP A 124 -12.50 -5.33 4.88
C ASP A 124 -11.36 -5.26 3.87
N LEU A 125 -11.53 -5.93 2.74
CA LEU A 125 -10.47 -6.04 1.74
C LEU A 125 -10.05 -4.68 1.17
N VAL A 126 -11.04 -3.84 0.85
CA VAL A 126 -10.75 -2.48 0.35
C VAL A 126 -10.00 -1.65 1.39
N GLU A 127 -10.35 -1.80 2.66
CA GLU A 127 -9.75 -1.03 3.76
C GLU A 127 -8.36 -1.53 4.16
N MET A 128 -8.15 -2.83 4.20
CA MET A 128 -6.86 -3.39 4.62
C MET A 128 -5.75 -3.20 3.58
N CYS A 129 -6.12 -2.89 2.33
CA CYS A 129 -5.13 -2.55 1.30
C CYS A 129 -4.40 -1.23 1.53
N ARG A 130 -4.91 -0.39 2.44
CA ARG A 130 -4.20 0.84 2.87
C ARG A 130 -2.78 0.59 3.38
N GLY A 131 -2.47 -0.65 3.75
CA GLY A 131 -1.12 -1.07 4.10
C GLY A 131 -0.05 -0.86 3.03
N VAL A 132 -0.41 -0.98 1.75
CA VAL A 132 0.55 -0.81 0.67
C VAL A 132 0.50 0.62 0.09
N GLN A 133 1.40 1.48 0.55
CA GLN A 133 1.48 2.89 0.13
C GLN A 133 2.38 3.14 -1.08
N HIS A 134 3.18 2.15 -1.47
CA HIS A 134 4.08 2.26 -2.61
C HIS A 134 3.25 2.29 -3.89
N PRO A 135 3.35 3.37 -4.70
CA PRO A 135 2.51 3.56 -5.88
C PRO A 135 2.32 2.38 -6.81
N LEU A 136 3.41 1.74 -7.24
CA LEU A 136 3.33 0.67 -8.24
C LEU A 136 2.64 -0.56 -7.66
N ARG A 137 3.19 -1.03 -6.55
CA ARG A 137 2.70 -2.24 -5.89
C ARG A 137 1.28 -2.04 -5.36
N GLY A 138 1.00 -0.83 -4.88
CA GLY A 138 -0.34 -0.45 -4.44
C GLY A 138 -1.38 -0.50 -5.54
N LEU A 139 -1.05 0.08 -6.69
CA LEU A 139 -1.91 0.03 -7.88
C LEU A 139 -2.22 -1.40 -8.27
N PHE A 140 -1.18 -2.22 -8.40
CA PHE A 140 -1.37 -3.61 -8.81
C PHE A 140 -2.11 -4.44 -7.76
N LEU A 141 -1.91 -4.13 -6.47
CA LEU A 141 -2.72 -4.76 -5.41
C LEU A 141 -4.20 -4.39 -5.57
N ARG A 142 -4.49 -3.10 -5.64
CA ARG A 142 -5.87 -2.63 -5.74
C ARG A 142 -6.55 -2.99 -7.05
N ASN A 143 -5.74 -3.24 -8.09
CA ASN A 143 -6.22 -3.84 -9.33
C ASN A 143 -6.63 -5.30 -9.14
N TYR A 144 -5.76 -6.08 -8.50
CA TYR A 144 -6.08 -7.49 -8.17
C TYR A 144 -7.35 -7.60 -7.33
N LEU A 145 -7.56 -6.65 -6.40
CA LEU A 145 -8.80 -6.59 -5.63
C LEU A 145 -10.00 -6.46 -6.56
N LEU A 146 -9.89 -5.53 -7.49
CA LEU A 146 -10.98 -5.18 -8.40
C LEU A 146 -11.37 -6.31 -9.37
N GLN A 147 -10.37 -7.08 -9.82
CA GLN A 147 -10.59 -8.20 -10.74
C GLN A 147 -11.11 -9.45 -10.03
N CYS A 148 -10.54 -9.77 -8.87
CA CYS A 148 -11.07 -10.87 -8.02
C CYS A 148 -12.53 -10.68 -7.64
N THR A 149 -12.92 -9.44 -7.34
CA THR A 149 -14.29 -9.12 -6.91
C THR A 149 -15.25 -8.79 -8.07
N ARG A 150 -14.86 -9.02 -9.32
CA ARG A 150 -15.67 -8.62 -10.48
C ARG A 150 -17.09 -9.17 -10.43
N ASN A 151 -17.21 -10.48 -10.24
CA ASN A 151 -18.50 -11.16 -10.31
C ASN A 151 -19.32 -11.09 -9.02
N ILE A 152 -18.67 -10.92 -7.88
CA ILE A 152 -19.32 -11.12 -6.57
C ILE A 152 -19.86 -9.88 -5.87
N LEU A 153 -19.64 -8.69 -6.45
CA LEU A 153 -20.14 -7.43 -5.84
C LEU A 153 -21.66 -7.40 -5.83
N PRO A 154 -22.27 -6.76 -4.82
CA PRO A 154 -23.72 -6.55 -4.84
C PRO A 154 -24.24 -5.88 -6.11
N ASP A 155 -25.50 -6.12 -6.44
CA ASP A 155 -26.14 -5.59 -7.66
C ASP A 155 -27.65 -5.80 -7.55
N GLU A 156 -28.40 -5.33 -8.54
CA GLU A 156 -29.87 -5.37 -8.47
C GLU A 156 -30.51 -6.65 -9.03
N GLY A 157 -29.96 -7.19 -10.12
CA GLY A 157 -30.54 -8.38 -10.77
C GLY A 157 -30.03 -9.70 -10.22
N GLU A 158 -30.06 -9.87 -8.89
CA GLU A 158 -29.40 -10.98 -8.21
C GLU A 158 -30.37 -12.08 -7.77
N PRO A 159 -29.84 -13.32 -7.54
CA PRO A 159 -30.61 -14.36 -6.86
C PRO A 159 -31.10 -13.92 -5.48
N THR A 160 -32.37 -14.20 -5.16
CA THR A 160 -33.02 -13.69 -3.95
C THR A 160 -32.78 -14.61 -2.73
N ASP A 161 -31.51 -14.70 -2.30
CA ASP A 161 -31.13 -15.47 -1.12
C ASP A 161 -31.09 -14.52 0.08
N GLU A 162 -32.11 -14.58 0.93
CA GLU A 162 -32.33 -13.56 1.97
C GLU A 162 -31.37 -13.60 3.17
N GLU A 163 -30.37 -14.47 3.14
CA GLU A 163 -29.24 -14.43 4.09
C GLU A 163 -27.99 -13.66 3.57
N THR A 164 -28.02 -13.15 2.34
CA THR A 164 -26.91 -12.33 1.81
C THR A 164 -26.87 -10.95 2.44
N THR A 165 -25.69 -10.33 2.38
CA THR A 165 -25.47 -8.99 2.93
C THR A 165 -24.93 -8.04 1.87
N GLY A 166 -25.24 -6.75 2.06
CA GLY A 166 -24.75 -5.70 1.18
C GLY A 166 -25.62 -5.47 -0.04
N ASP A 167 -25.80 -4.20 -0.40
CA ASP A 167 -26.63 -3.80 -1.53
C ASP A 167 -25.81 -2.97 -2.53
N ILE A 168 -26.47 -2.45 -3.56
CA ILE A 168 -25.84 -1.57 -4.54
C ILE A 168 -25.05 -0.39 -3.93
N SER A 169 -25.57 0.22 -2.85
CA SER A 169 -24.89 1.33 -2.17
C SER A 169 -23.50 0.96 -1.66
N ASP A 170 -23.38 -0.29 -1.20
CA ASP A 170 -22.10 -0.83 -0.74
C ASP A 170 -21.14 -1.04 -1.90
N SER A 171 -21.66 -1.56 -3.01
CA SER A 171 -20.86 -1.70 -4.24
C SER A 171 -20.30 -0.37 -4.75
N MET A 172 -21.13 0.66 -4.75
CA MET A 172 -20.71 1.98 -5.19
C MET A 172 -19.61 2.55 -4.28
N ASP A 173 -19.81 2.48 -2.96
CA ASP A 173 -18.75 2.89 -2.01
C ASP A 173 -17.47 2.06 -2.12
N PHE A 174 -17.62 0.75 -2.37
CA PHE A 174 -16.47 -0.14 -2.54
C PHE A 174 -15.60 0.35 -3.69
N VAL A 175 -16.19 0.52 -4.88
CA VAL A 175 -15.43 0.87 -6.08
C VAL A 175 -14.99 2.35 -6.11
N LEU A 176 -15.84 3.26 -5.64
CA LEU A 176 -15.43 4.67 -5.55
C LEU A 176 -14.24 4.91 -4.63
N LEU A 177 -14.19 4.15 -3.53
CA LEU A 177 -13.07 4.24 -2.58
C LEU A 177 -11.80 3.67 -3.20
N ASN A 178 -11.88 2.46 -3.74
CA ASN A 178 -10.75 1.86 -4.46
C ASN A 178 -10.28 2.77 -5.60
N PHE A 179 -11.22 3.44 -6.26
CA PHE A 179 -10.88 4.43 -7.29
C PHE A 179 -10.05 5.57 -6.70
N ALA A 180 -10.56 6.18 -5.63
CA ALA A 180 -9.89 7.32 -5.01
C ALA A 180 -8.49 6.97 -4.49
N GLU A 181 -8.31 5.74 -4.01
CA GLU A 181 -7.01 5.28 -3.52
C GLU A 181 -6.02 5.02 -4.67
N MET A 182 -6.48 4.36 -5.73
CA MET A 182 -5.63 4.11 -6.90
C MET A 182 -5.24 5.39 -7.62
N ASN A 183 -6.18 6.32 -7.79
CA ASN A 183 -5.87 7.63 -8.39
C ASN A 183 -4.87 8.42 -7.55
N LYS A 184 -5.02 8.35 -6.23
CA LYS A 184 -4.06 8.94 -5.30
C LYS A 184 -2.65 8.39 -5.54
N LEU A 185 -2.52 7.06 -5.55
CA LEU A 185 -1.23 6.40 -5.82
C LEU A 185 -0.67 6.76 -7.18
N TRP A 186 -1.55 6.79 -8.18
CA TRP A 186 -1.15 7.06 -9.56
C TRP A 186 -0.62 8.49 -9.74
N VAL A 187 -1.30 9.47 -9.15
CA VAL A 187 -0.83 10.87 -9.15
C VAL A 187 0.45 10.99 -8.33
N ARG A 188 0.54 10.21 -7.27
CA ARG A 188 1.74 10.18 -6.41
C ARG A 188 3.00 9.75 -7.20
N MET A 189 2.83 8.91 -8.23
CA MET A 189 3.94 8.53 -9.13
C MET A 189 4.62 9.70 -9.82
N GLN A 190 3.90 10.81 -10.01
CA GLN A 190 4.47 12.01 -10.60
C GLN A 190 5.69 12.58 -9.85
N HIS A 191 5.76 12.35 -8.53
CA HIS A 191 6.80 12.95 -7.68
C HIS A 191 7.80 11.99 -7.02
N GLN A 192 7.72 10.68 -7.28
CA GLN A 192 8.75 9.74 -6.82
C GLN A 192 9.94 9.69 -7.81
N GLY A 193 11.12 9.33 -7.30
CA GLY A 193 12.33 9.23 -8.12
C GLY A 193 13.01 10.57 -8.42
N HIS A 194 14.02 10.52 -9.29
CA HIS A 194 14.89 11.68 -9.56
C HIS A 194 14.27 12.66 -10.56
N SER A 195 14.58 13.95 -10.41
CA SER A 195 13.92 15.04 -11.16
C SER A 195 14.24 15.13 -12.67
N ARG A 196 15.27 14.43 -13.11
CA ARG A 196 15.66 14.39 -14.52
C ARG A 196 14.92 13.32 -15.33
N ASP A 197 14.15 12.45 -14.65
CA ASP A 197 13.34 11.43 -15.30
C ASP A 197 11.85 11.85 -15.34
N ARG A 198 11.60 13.12 -15.60
CA ARG A 198 10.23 13.66 -15.64
C ARG A 198 9.47 13.11 -16.84
N GLU A 199 10.15 13.04 -17.99
CA GLU A 199 9.58 12.52 -19.23
C GLU A 199 9.38 10.99 -19.19
N LYS A 200 10.27 10.27 -18.50
CA LYS A 200 10.14 8.82 -18.32
C LYS A 200 8.96 8.48 -17.41
N ARG A 201 8.81 9.23 -16.32
CA ARG A 201 7.69 9.03 -15.39
C ARG A 201 6.35 9.15 -16.09
N GLU A 202 6.13 10.28 -16.77
CA GLU A 202 4.89 10.51 -17.51
C GLU A 202 4.62 9.44 -18.56
N ARG A 203 5.69 8.85 -19.13
CA ARG A 203 5.57 7.68 -19.99
C ARG A 203 5.11 6.46 -19.19
N GLU A 204 5.74 6.22 -18.04
CA GLU A 204 5.39 5.11 -17.13
C GLU A 204 3.96 5.22 -16.61
N ARG A 205 3.58 6.40 -16.15
CA ARG A 205 2.20 6.66 -15.69
C ARG A 205 1.19 6.37 -16.80
N GLN A 206 1.48 6.84 -18.00
CA GLN A 206 0.61 6.61 -19.17
C GLN A 206 0.33 5.13 -19.43
N GLU A 207 1.36 4.29 -19.29
CA GLU A 207 1.21 2.84 -19.45
C GLU A 207 0.21 2.27 -18.45
N LEU A 208 0.27 2.77 -17.21
CA LEU A 208 -0.56 2.26 -16.10
C LEU A 208 -1.98 2.87 -15.99
N ARG A 209 -2.35 3.79 -16.88
CA ARG A 209 -3.65 4.50 -16.77
C ARG A 209 -4.86 3.57 -16.77
N ILE A 210 -4.77 2.44 -17.46
CA ILE A 210 -5.85 1.46 -17.51
C ILE A 210 -6.22 0.87 -16.13
N LEU A 211 -5.23 0.71 -15.25
CA LEU A 211 -5.46 0.20 -13.89
C LEU A 211 -6.43 1.09 -13.11
N VAL A 212 -6.22 2.39 -13.22
CA VAL A 212 -7.08 3.38 -12.55
C VAL A 212 -8.45 3.43 -13.21
N GLY A 213 -8.47 3.42 -14.55
CA GLY A 213 -9.70 3.56 -15.32
C GLY A 213 -10.67 2.39 -15.24
N THR A 214 -10.14 1.19 -14.99
CA THR A 214 -10.96 -0.01 -14.78
C THR A 214 -11.99 0.15 -13.64
N ASN A 215 -11.68 0.97 -12.63
CA ASN A 215 -12.66 1.32 -11.58
C ASN A 215 -13.91 1.97 -12.15
N LEU A 216 -13.73 2.88 -13.11
CA LEU A 216 -14.87 3.55 -13.74
C LEU A 216 -15.63 2.57 -14.64
N VAL A 217 -14.87 1.73 -15.36
CA VAL A 217 -15.45 0.64 -16.16
C VAL A 217 -16.33 -0.28 -15.29
N ARG A 218 -15.83 -0.59 -14.09
CA ARG A 218 -16.54 -1.44 -13.14
C ARG A 218 -17.83 -0.80 -12.64
N LEU A 219 -17.83 0.51 -12.43
CA LEU A 219 -19.05 1.22 -12.03
C LEU A 219 -20.17 1.23 -13.07
N SER A 220 -19.81 1.29 -14.36
CA SER A 220 -20.80 1.24 -15.44
C SER A 220 -21.41 -0.15 -15.60
N GLN A 221 -20.65 -1.19 -15.26
CA GLN A 221 -21.12 -2.58 -15.33
C GLN A 221 -22.14 -2.96 -14.25
N LEU A 222 -22.28 -2.15 -13.21
CA LEU A 222 -23.27 -2.41 -12.17
C LEU A 222 -24.66 -2.06 -12.69
N GLU A 223 -25.50 -3.09 -12.84
CA GLU A 223 -26.88 -2.93 -13.31
C GLU A 223 -27.64 -1.90 -12.46
N GLY A 224 -27.44 -1.93 -11.15
CA GLY A 224 -28.10 -1.03 -10.22
C GLY A 224 -27.74 0.45 -10.30
N VAL A 225 -26.67 0.78 -11.03
CA VAL A 225 -26.33 2.19 -11.28
C VAL A 225 -27.27 2.71 -12.36
N ASN A 226 -28.39 3.28 -11.91
CA ASN A 226 -29.31 4.01 -12.78
C ASN A 226 -28.87 5.47 -12.92
N VAL A 227 -29.61 6.26 -13.69
CA VAL A 227 -29.26 7.65 -13.95
C VAL A 227 -29.24 8.56 -12.70
N GLU A 228 -30.13 8.32 -11.74
CA GLU A 228 -30.22 9.18 -10.55
C GLU A 228 -29.05 8.91 -9.60
N ARG A 229 -28.62 7.66 -9.52
CA ARG A 229 -27.43 7.30 -8.76
C ARG A 229 -26.15 7.84 -9.40
N TYR A 230 -26.09 7.77 -10.73
CA TYR A 230 -24.98 8.38 -11.48
C TYR A 230 -24.87 9.88 -11.20
N LYS A 231 -26.01 10.59 -11.24
CA LYS A 231 -26.05 12.01 -10.89
C LYS A 231 -25.56 12.28 -9.48
N GLN A 232 -26.16 11.59 -8.51
CA GLN A 232 -25.96 11.92 -7.08
C GLN A 232 -24.74 11.29 -6.40
N ILE A 233 -24.38 10.07 -6.79
CA ILE A 233 -23.32 9.32 -6.11
C ILE A 233 -22.07 9.11 -6.99
N VAL A 234 -22.24 8.46 -8.14
CA VAL A 234 -21.08 7.97 -8.92
C VAL A 234 -20.30 9.12 -9.54
N LEU A 235 -20.94 9.94 -10.36
CA LEU A 235 -20.27 11.08 -11.00
C LEU A 235 -19.83 12.11 -9.98
N THR A 236 -20.65 12.34 -8.94
CA THR A 236 -20.27 13.21 -7.82
C THR A 236 -18.98 12.72 -7.15
N GLY A 237 -18.88 11.40 -6.99
CA GLY A 237 -17.68 10.77 -6.46
C GLY A 237 -16.47 10.93 -7.36
N ILE A 238 -16.66 10.65 -8.65
CA ILE A 238 -15.58 10.69 -9.62
C ILE A 238 -15.09 12.12 -9.84
N LEU A 239 -16.01 13.06 -10.04
CA LEU A 239 -15.65 14.45 -10.25
C LEU A 239 -14.97 15.10 -9.04
N GLU A 240 -15.25 14.61 -7.83
CA GLU A 240 -14.57 15.13 -6.64
C GLU A 240 -13.08 14.80 -6.68
N GLN A 241 -12.75 13.57 -7.08
CA GLN A 241 -11.35 13.17 -7.21
C GLN A 241 -10.67 13.88 -8.37
N VAL A 242 -11.38 14.02 -9.49
CA VAL A 242 -10.82 14.56 -10.74
C VAL A 242 -10.38 16.01 -10.61
N VAL A 243 -11.30 16.88 -10.17
CA VAL A 243 -10.98 18.32 -10.01
C VAL A 243 -9.94 18.57 -8.91
N ASN A 244 -9.96 17.76 -7.84
CA ASN A 244 -9.07 17.96 -6.69
C ASN A 244 -7.68 17.33 -6.83
N CYS A 245 -7.50 16.40 -7.78
CA CYS A 245 -6.18 15.81 -7.96
C CYS A 245 -5.17 16.77 -8.60
N ARG A 246 -5.67 17.86 -9.21
CA ARG A 246 -4.82 18.93 -9.76
C ARG A 246 -3.68 18.41 -10.64
N ASP A 247 -3.96 17.36 -11.41
CA ASP A 247 -2.96 16.67 -12.23
C ASP A 247 -3.48 16.50 -13.65
N ALA A 248 -2.86 17.21 -14.59
CA ALA A 248 -3.34 17.24 -15.99
C ALA A 248 -3.44 15.86 -16.64
N LEU A 249 -2.44 15.02 -16.42
CA LEU A 249 -2.40 13.67 -16.99
C LEU A 249 -3.59 12.84 -16.55
N ALA A 250 -3.89 12.86 -15.26
CA ALA A 250 -5.04 12.11 -14.74
C ALA A 250 -6.35 12.77 -15.17
N GLN A 251 -6.47 14.07 -14.96
CA GLN A 251 -7.68 14.81 -15.33
C GLN A 251 -8.09 14.56 -16.77
N GLU A 252 -7.13 14.66 -17.69
CA GLU A 252 -7.39 14.46 -19.12
C GLU A 252 -7.85 13.04 -19.41
N TYR A 253 -7.11 12.07 -18.88
CA TYR A 253 -7.46 10.67 -19.06
C TYR A 253 -8.83 10.33 -18.47
N LEU A 254 -9.06 10.74 -17.23
CA LEU A 254 -10.26 10.36 -16.50
C LEU A 254 -11.55 10.96 -17.09
N MET A 255 -11.47 12.22 -17.55
CA MET A 255 -12.65 12.89 -18.12
C MET A 255 -13.02 12.29 -19.46
N GLU A 256 -12.02 11.92 -20.27
CA GLU A 256 -12.27 11.13 -21.48
C GLU A 256 -12.83 9.76 -21.12
N CYS A 257 -12.25 9.13 -20.10
CA CYS A 257 -12.69 7.81 -19.63
C CYS A 257 -14.16 7.77 -19.19
N ILE A 258 -14.63 8.85 -18.54
CA ILE A 258 -16.06 8.97 -18.21
C ILE A 258 -16.90 8.91 -19.47
N ILE A 259 -16.61 9.81 -20.42
CA ILE A 259 -17.35 9.90 -21.70
C ILE A 259 -17.50 8.52 -22.34
N GLN A 260 -16.39 7.83 -22.51
CA GLN A 260 -16.35 6.52 -23.15
C GLN A 260 -17.14 5.42 -22.44
N VAL A 261 -17.05 5.39 -21.11
CA VAL A 261 -17.48 4.23 -20.33
C VAL A 261 -18.98 4.21 -20.04
N PHE A 262 -19.55 5.38 -19.72
CA PHE A 262 -20.97 5.47 -19.36
C PHE A 262 -21.83 5.76 -20.60
N PRO A 263 -23.12 5.37 -20.56
CA PRO A 263 -24.01 5.56 -21.71
C PRO A 263 -24.44 7.01 -21.92
N ASP A 264 -25.05 7.26 -23.09
CA ASP A 264 -25.46 8.59 -23.49
C ASP A 264 -26.71 9.07 -22.75
N GLU A 265 -27.52 8.14 -22.25
CA GLU A 265 -28.64 8.49 -21.35
C GLU A 265 -28.13 9.24 -20.12
N PHE A 266 -26.99 8.79 -19.59
CA PHE A 266 -26.37 9.38 -18.40
C PHE A 266 -25.73 10.73 -18.72
N HIS A 267 -25.10 10.84 -19.89
CA HIS A 267 -24.44 12.09 -20.30
C HIS A 267 -25.40 13.26 -20.47
N LEU A 268 -26.60 13.00 -20.99
CA LEU A 268 -27.62 14.05 -21.22
C LEU A 268 -28.18 14.68 -19.94
N GLN A 269 -28.31 13.86 -18.88
CA GLN A 269 -28.74 14.37 -17.56
C GLN A 269 -27.64 15.08 -16.78
N THR A 270 -26.38 14.92 -17.21
CA THR A 270 -25.22 15.45 -16.49
C THR A 270 -24.32 16.37 -17.33
N LEU A 271 -24.89 17.13 -18.28
CA LEU A 271 -24.08 17.94 -19.19
C LEU A 271 -23.45 19.15 -18.51
N ASN A 272 -24.27 19.94 -17.82
CA ASN A 272 -23.77 21.15 -17.14
C ASN A 272 -22.76 20.86 -16.02
N PRO A 273 -22.95 19.77 -15.25
CA PRO A 273 -21.91 19.32 -14.31
C PRO A 273 -20.60 18.89 -14.96
N PHE A 274 -20.68 18.11 -16.04
CA PHE A 274 -19.49 17.65 -16.74
C PHE A 274 -18.73 18.81 -17.41
N LEU A 275 -19.44 19.81 -17.90
CA LEU A 275 -18.80 20.95 -18.55
C LEU A 275 -18.28 21.98 -17.54
N ARG A 276 -18.98 22.18 -16.43
CA ARG A 276 -18.45 22.99 -15.31
C ARG A 276 -17.13 22.40 -14.76
N ALA A 277 -17.04 21.07 -14.74
CA ALA A 277 -15.81 20.38 -14.34
C ALA A 277 -14.67 20.66 -15.31
N CYS A 278 -14.97 20.68 -16.61
CA CYS A 278 -13.96 20.96 -17.64
C CYS A 278 -13.26 22.31 -17.45
N ALA A 279 -14.01 23.33 -17.03
CA ALA A 279 -13.45 24.67 -16.75
C ALA A 279 -12.48 24.70 -15.56
N GLU A 280 -12.68 23.79 -14.61
CA GLU A 280 -11.84 23.69 -13.41
C GLU A 280 -10.56 22.86 -13.57
N LEU A 281 -10.34 22.28 -14.75
CA LEU A 281 -9.19 21.41 -14.97
C LEU A 281 -7.91 22.22 -15.14
N HIS A 282 -6.79 21.51 -15.07
CA HIS A 282 -5.43 22.08 -15.17
C HIS A 282 -5.21 22.65 -16.58
N GLN A 283 -4.43 23.72 -16.67
CA GLN A 283 -4.26 24.45 -17.94
C GLN A 283 -3.61 23.62 -19.06
N ASN A 284 -2.74 22.68 -18.71
CA ASN A 284 -2.18 21.73 -19.67
C ASN A 284 -3.10 20.58 -20.11
N VAL A 285 -4.35 20.57 -19.64
CA VAL A 285 -5.32 19.57 -20.09
C VAL A 285 -5.91 20.01 -21.43
N ASN A 286 -5.93 19.09 -22.39
CA ASN A 286 -6.56 19.34 -23.68
C ASN A 286 -8.08 19.28 -23.53
N VAL A 287 -8.66 20.43 -23.18
CA VAL A 287 -10.09 20.52 -22.89
C VAL A 287 -10.89 20.39 -24.18
N LYS A 288 -10.34 20.94 -25.27
CA LYS A 288 -10.87 20.77 -26.62
C LYS A 288 -11.20 19.31 -26.96
N ASN A 289 -10.26 18.41 -26.71
CA ASN A 289 -10.44 16.99 -27.00
C ASN A 289 -11.51 16.30 -26.14
N ILE A 290 -11.67 16.76 -24.89
CA ILE A 290 -12.73 16.25 -24.02
C ILE A 290 -14.09 16.64 -24.60
N ILE A 291 -14.30 17.92 -24.83
CA ILE A 291 -15.58 18.42 -25.34
C ILE A 291 -15.93 17.81 -26.71
N ILE A 292 -14.95 17.72 -27.60
CA ILE A 292 -15.16 17.13 -28.93
C ILE A 292 -15.58 15.65 -28.83
N ALA A 293 -14.89 14.88 -28.01
CA ALA A 293 -15.23 13.46 -27.79
C ALA A 293 -16.66 13.24 -27.33
N LEU A 294 -17.14 14.13 -26.45
CA LEU A 294 -18.52 14.08 -25.94
C LEU A 294 -19.55 14.38 -27.02
N ILE A 295 -19.31 15.45 -27.77
CA ILE A 295 -20.19 15.84 -28.89
C ILE A 295 -20.24 14.74 -29.96
N ASP A 296 -19.08 14.19 -30.31
CA ASP A 296 -18.99 13.06 -31.24
C ASP A 296 -19.83 11.85 -30.79
N ARG A 297 -19.84 11.60 -29.49
CA ARG A 297 -20.60 10.47 -28.94
C ARG A 297 -22.11 10.74 -28.97
N LEU A 298 -22.52 11.98 -28.69
CA LEU A 298 -23.93 12.37 -28.74
C LEU A 298 -24.47 12.46 -30.17
N ALA A 299 -23.59 12.68 -31.15
CA ALA A 299 -23.96 12.65 -32.56
C ALA A 299 -24.33 11.24 -33.02
N LEU A 300 -23.49 10.25 -32.66
CA LEU A 300 -23.79 8.83 -32.94
C LEU A 300 -25.02 8.31 -32.18
N PHE A 301 -25.42 9.00 -31.10
CA PHE A 301 -26.66 8.70 -30.40
C PHE A 301 -27.89 9.29 -31.09
N ALA A 302 -27.75 10.47 -31.70
CA ALA A 302 -28.85 11.11 -32.43
C ALA A 302 -29.31 10.32 -33.67
N HIS A 303 -28.34 9.79 -34.43
CA HIS A 303 -28.63 9.04 -35.68
C HIS A 303 -28.96 7.55 -35.48
N ARG A 304 -28.81 7.02 -34.26
CA ARG A 304 -29.16 5.63 -33.97
C ARG A 304 -30.67 5.50 -33.75
N GLU A 305 -31.34 4.74 -34.61
CA GLU A 305 -32.78 4.47 -34.45
C GLU A 305 -32.97 3.19 -33.62
N ASP A 306 -34.23 2.84 -33.34
CA ASP A 306 -34.60 1.86 -32.29
C ASP A 306 -34.06 2.29 -30.92
N GLY A 307 -34.15 3.60 -30.67
CA GLY A 307 -33.75 4.22 -29.40
C GLY A 307 -34.47 5.54 -29.24
N PRO A 308 -34.53 6.06 -28.00
CA PRO A 308 -35.39 7.22 -27.71
C PRO A 308 -34.98 8.53 -28.41
N GLY A 309 -33.71 8.67 -28.77
CA GLY A 309 -33.18 9.92 -29.30
C GLY A 309 -32.99 10.95 -28.20
N ILE A 310 -32.82 12.22 -28.59
CA ILE A 310 -32.53 13.31 -27.65
C ILE A 310 -33.84 14.02 -27.25
N PRO A 311 -34.20 13.97 -25.95
CA PRO A 311 -35.40 14.69 -25.47
C PRO A 311 -35.41 16.19 -25.80
N ALA A 312 -36.60 16.72 -26.06
CA ALA A 312 -36.78 18.13 -26.42
C ALA A 312 -36.45 19.11 -25.28
N ASP A 313 -36.61 18.67 -24.03
CA ASP A 313 -36.27 19.50 -22.86
C ASP A 313 -34.75 19.68 -22.66
N ILE A 314 -33.94 18.72 -23.13
CA ILE A 314 -32.49 18.85 -23.13
C ILE A 314 -32.07 19.61 -24.39
N LYS A 315 -31.92 20.93 -24.26
CA LYS A 315 -31.55 21.80 -25.38
C LYS A 315 -30.03 21.75 -25.58
N LEU A 316 -29.55 20.77 -26.33
CA LEU A 316 -28.11 20.54 -26.52
C LEU A 316 -27.37 21.79 -26.96
N PHE A 317 -27.88 22.43 -28.02
CA PHE A 317 -27.19 23.56 -28.64
C PHE A 317 -27.01 24.74 -27.68
N ASP A 318 -28.05 25.08 -26.92
CA ASP A 318 -27.96 26.18 -25.94
C ASP A 318 -26.98 25.86 -24.81
N ILE A 319 -26.91 24.59 -24.41
CA ILE A 319 -26.00 24.14 -23.37
C ILE A 319 -24.54 24.21 -23.85
N PHE A 320 -24.25 23.47 -24.91
CA PHE A 320 -22.88 23.40 -25.46
C PHE A 320 -22.34 24.76 -25.95
N SER A 321 -23.18 25.56 -26.62
CA SER A 321 -22.77 26.88 -27.08
C SER A 321 -22.33 27.74 -25.90
N GLN A 322 -23.18 27.77 -24.87
CA GLN A 322 -22.94 28.60 -23.70
C GLN A 322 -21.78 28.10 -22.82
N GLN A 323 -21.61 26.79 -22.73
CA GLN A 323 -20.55 26.20 -21.90
C GLN A 323 -19.17 26.22 -22.56
N VAL A 324 -19.11 25.87 -23.83
CA VAL A 324 -17.86 25.96 -24.61
C VAL A 324 -17.29 27.38 -24.50
N ALA A 325 -18.15 28.38 -24.63
CA ALA A 325 -17.78 29.79 -24.41
C ALA A 325 -17.17 29.99 -23.03
N THR A 326 -17.83 29.44 -22.01
CA THR A 326 -17.35 29.52 -20.62
C THR A 326 -16.06 28.72 -20.39
N VAL A 327 -15.93 27.58 -21.06
CA VAL A 327 -14.74 26.75 -20.98
C VAL A 327 -13.52 27.46 -21.60
N ILE A 328 -13.71 28.10 -22.77
CA ILE A 328 -12.64 28.85 -23.43
C ILE A 328 -12.23 30.06 -22.57
N GLN A 329 -13.21 30.71 -21.94
CA GLN A 329 -12.94 31.83 -21.02
C GLN A 329 -12.01 31.42 -19.87
N SER A 330 -12.21 30.21 -19.34
CA SER A 330 -11.40 29.67 -18.23
C SER A 330 -9.94 29.36 -18.60
N ARG A 331 -9.68 29.09 -19.87
CA ARG A 331 -8.31 28.84 -20.35
C ARG A 331 -7.54 30.15 -20.43
N GLN A 332 -6.24 30.07 -20.14
CA GLN A 332 -5.36 31.25 -20.12
C GLN A 332 -4.81 31.53 -21.51
N ASP A 333 -4.30 30.51 -22.17
CA ASP A 333 -3.72 30.66 -23.50
C ASP A 333 -4.11 29.48 -24.40
N MET A 334 -5.36 29.52 -24.86
CA MET A 334 -5.84 28.56 -25.85
C MET A 334 -5.45 29.09 -27.23
N PRO A 335 -4.77 28.25 -28.05
CA PRO A 335 -4.50 28.63 -29.45
C PRO A 335 -5.78 28.94 -30.23
N SER A 336 -5.73 29.95 -31.09
CA SER A 336 -6.91 30.35 -31.87
C SER A 336 -7.47 29.24 -32.75
N GLU A 337 -6.58 28.40 -33.30
CA GLU A 337 -7.01 27.20 -34.06
C GLU A 337 -7.93 26.28 -33.26
N ASP A 338 -7.66 26.14 -31.96
CA ASP A 338 -8.46 25.28 -31.08
C ASP A 338 -9.86 25.85 -30.85
N VAL A 339 -9.94 27.17 -30.68
CA VAL A 339 -11.24 27.87 -30.55
C VAL A 339 -12.13 27.58 -31.78
N VAL A 340 -11.49 27.57 -32.96
CA VAL A 340 -12.17 27.29 -34.22
C VAL A 340 -12.47 25.79 -34.37
N SER A 341 -11.55 24.93 -33.92
CA SER A 341 -11.82 23.47 -33.87
C SER A 341 -13.08 23.14 -33.08
N LEU A 342 -13.38 23.96 -32.06
CA LEU A 342 -14.61 23.82 -31.27
C LEU A 342 -15.86 24.33 -32.01
N GLN A 343 -15.73 25.41 -32.78
CA GLN A 343 -16.83 25.89 -33.64
C GLN A 343 -17.24 24.83 -34.66
N VAL A 344 -16.28 24.06 -35.14
CA VAL A 344 -16.56 22.97 -36.08
C VAL A 344 -17.46 21.90 -35.43
N SER A 345 -17.15 21.53 -34.18
CA SER A 345 -17.95 20.54 -33.46
C SER A 345 -19.32 21.09 -33.04
N LEU A 346 -19.41 22.39 -32.76
CA LEU A 346 -20.71 23.05 -32.52
C LEU A 346 -21.60 23.08 -33.77
N ILE A 347 -21.00 23.24 -34.95
CA ILE A 347 -21.71 23.03 -36.21
C ILE A 347 -22.10 21.56 -36.27
N ASN A 348 -21.09 20.69 -36.27
CA ASN A 348 -21.27 19.24 -36.34
C ASN A 348 -22.41 18.74 -35.42
N LEU A 349 -22.47 19.27 -34.19
CA LEU A 349 -23.53 18.96 -33.24
C LEU A 349 -24.89 19.36 -33.78
N ALA A 350 -25.02 20.64 -34.15
CA ALA A 350 -26.26 21.19 -34.70
C ALA A 350 -26.71 20.49 -35.98
N MET A 351 -25.76 20.09 -36.81
CA MET A 351 -26.08 19.38 -38.06
C MET A 351 -26.71 18.01 -37.79
N LYS A 352 -26.08 17.22 -36.94
CA LYS A 352 -26.48 15.82 -36.71
C LYS A 352 -27.62 15.67 -35.69
N CYS A 353 -27.71 16.58 -34.72
CA CYS A 353 -28.75 16.54 -33.69
C CYS A 353 -29.99 17.35 -34.04
N TYR A 354 -29.86 18.34 -34.94
CA TYR A 354 -30.99 19.17 -35.40
C TYR A 354 -30.86 19.58 -36.89
N PRO A 355 -31.00 18.60 -37.83
CA PRO A 355 -30.89 18.94 -39.27
C PRO A 355 -31.87 20.02 -39.73
N ASP A 356 -33.13 19.88 -39.28
CA ASP A 356 -34.19 20.88 -39.46
C ASP A 356 -33.83 22.35 -39.20
N ARG A 357 -33.11 22.61 -38.10
CA ARG A 357 -32.85 23.98 -37.64
C ARG A 357 -31.56 24.58 -38.23
N VAL A 358 -31.73 25.27 -39.36
CA VAL A 358 -30.63 25.92 -40.08
C VAL A 358 -30.11 27.15 -39.31
N ASP A 359 -31.03 27.90 -38.70
CA ASP A 359 -30.70 29.09 -37.88
C ASP A 359 -29.61 28.86 -36.82
N TYR A 360 -29.54 27.64 -36.27
CA TYR A 360 -28.45 27.24 -35.36
C TYR A 360 -27.09 27.26 -36.06
N VAL A 361 -27.00 26.58 -37.20
CA VAL A 361 -25.75 26.50 -37.99
C VAL A 361 -25.27 27.91 -38.37
N ASP A 362 -26.19 28.80 -38.69
CA ASP A 362 -25.87 30.21 -38.95
C ASP A 362 -25.42 30.94 -37.68
N LYS A 363 -26.03 30.63 -36.54
CA LYS A 363 -25.61 31.21 -35.25
C LYS A 363 -24.18 30.83 -34.84
N VAL A 364 -23.73 29.63 -35.23
CA VAL A 364 -22.33 29.24 -34.98
C VAL A 364 -21.42 30.12 -35.84
N LEU A 365 -21.77 30.25 -37.12
CA LEU A 365 -21.03 31.08 -38.06
C LEU A 365 -21.08 32.56 -37.68
N GLU A 366 -22.22 33.01 -37.17
CA GLU A 366 -22.38 34.37 -36.64
C GLU A 366 -21.48 34.64 -35.43
N THR A 367 -21.35 33.64 -34.55
CA THR A 367 -20.46 33.70 -33.38
C THR A 367 -18.99 33.51 -33.79
N THR A 368 -18.74 32.65 -34.77
CA THR A 368 -17.40 32.48 -35.35
C THR A 368 -16.88 33.82 -35.90
N VAL A 369 -17.73 34.56 -36.62
CA VAL A 369 -17.40 35.93 -37.09
C VAL A 369 -17.01 36.81 -35.90
N GLU A 370 -17.85 36.82 -34.86
CA GLU A 370 -17.59 37.60 -33.64
C GLU A 370 -16.23 37.26 -33.01
N ILE A 371 -15.83 35.98 -33.05
CA ILE A 371 -14.51 35.54 -32.60
C ILE A 371 -13.40 36.15 -33.46
N PHE A 372 -13.49 35.95 -34.77
CA PHE A 372 -12.52 36.51 -35.72
C PHE A 372 -12.48 38.04 -35.71
N ASN A 373 -13.63 38.67 -35.50
CA ASN A 373 -13.73 40.13 -35.40
C ASN A 373 -13.14 40.63 -34.07
N LYS A 374 -13.44 39.94 -32.98
CA LYS A 374 -12.92 40.29 -31.63
C LYS A 374 -11.41 40.18 -31.56
N LEU A 375 -10.87 39.07 -32.08
CA LEU A 375 -9.42 38.91 -32.21
C LEU A 375 -8.91 39.92 -33.24
N ASN A 376 -8.02 40.81 -32.83
CA ASN A 376 -7.44 41.80 -33.73
C ASN A 376 -6.38 41.12 -34.62
N LEU A 377 -6.86 40.42 -35.65
CA LEU A 377 -6.04 39.45 -36.38
C LEU A 377 -5.23 40.06 -37.54
N GLU A 378 -3.96 39.67 -37.61
CA GLU A 378 -3.12 39.90 -38.78
C GLU A 378 -3.61 38.97 -39.90
N HIS A 379 -3.32 39.33 -41.15
CA HIS A 379 -3.75 38.56 -42.33
C HIS A 379 -3.40 37.07 -42.20
N ILE A 380 -4.43 36.22 -42.31
CA ILE A 380 -4.32 34.79 -42.00
C ILE A 380 -3.92 34.02 -43.25
N ALA A 381 -2.71 33.45 -43.24
CA ALA A 381 -2.19 32.68 -44.36
C ALA A 381 -2.90 31.33 -44.52
N THR A 382 -2.81 30.76 -45.71
CA THR A 382 -3.38 29.43 -45.99
C THR A 382 -2.59 28.33 -45.24
N SER A 383 -1.29 28.54 -45.04
CA SER A 383 -0.45 27.61 -44.26
C SER A 383 -0.74 27.63 -42.74
N SER A 384 -1.28 28.75 -42.22
CA SER A 384 -1.70 28.86 -40.82
C SER A 384 -2.80 27.86 -40.48
N ALA A 385 -2.74 27.32 -39.25
CA ALA A 385 -3.71 26.31 -38.78
C ALA A 385 -5.14 26.86 -38.61
N VAL A 386 -5.26 28.17 -38.38
CA VAL A 386 -6.57 28.82 -38.27
C VAL A 386 -7.35 28.65 -39.57
N SER A 387 -6.67 28.93 -40.69
CA SER A 387 -7.26 28.79 -42.04
C SER A 387 -7.62 27.34 -42.34
N LYS A 388 -6.74 26.40 -41.97
CA LYS A 388 -7.05 24.96 -42.09
C LYS A 388 -8.42 24.63 -41.51
N GLU A 389 -8.68 25.12 -40.30
CA GLU A 389 -9.92 24.83 -39.58
C GLU A 389 -11.11 25.59 -40.15
N LEU A 390 -10.93 26.88 -40.41
CA LEU A 390 -12.00 27.71 -41.00
C LEU A 390 -12.45 27.17 -42.36
N THR A 391 -11.51 26.63 -43.13
CA THR A 391 -11.80 25.91 -44.38
C THR A 391 -12.62 24.65 -44.10
N ARG A 392 -12.12 23.82 -43.18
CA ARG A 392 -12.80 22.58 -42.79
C ARG A 392 -14.17 22.83 -42.15
N LEU A 393 -14.29 23.96 -41.46
CA LEU A 393 -15.55 24.43 -40.87
C LEU A 393 -16.58 24.72 -41.95
N LEU A 394 -16.20 25.57 -42.92
CA LEU A 394 -17.11 26.01 -44.00
C LEU A 394 -17.51 24.89 -44.96
N LYS A 395 -16.58 23.96 -45.21
CA LYS A 395 -16.85 22.80 -46.07
C LYS A 395 -17.93 21.82 -45.56
N ILE A 396 -18.17 21.79 -44.25
CA ILE A 396 -19.12 20.83 -43.66
C ILE A 396 -20.58 21.06 -44.09
N PRO A 397 -21.10 22.31 -43.98
CA PRO A 397 -22.42 22.59 -44.58
C PRO A 397 -22.51 22.26 -46.07
N VAL A 398 -21.47 22.62 -46.82
CA VAL A 398 -21.39 22.38 -48.26
C VAL A 398 -21.38 20.88 -48.59
N ASP A 399 -20.58 20.12 -47.83
CA ASP A 399 -20.44 18.67 -48.06
C ASP A 399 -21.59 17.82 -47.51
N THR A 400 -22.13 18.20 -46.35
CA THR A 400 -23.13 17.37 -45.66
C THR A 400 -24.57 17.57 -46.15
N TYR A 401 -24.97 18.82 -46.43
CA TYR A 401 -26.36 19.10 -46.85
C TYR A 401 -26.73 18.40 -48.16
N ASN A 402 -28.01 18.06 -48.31
CA ASN A 402 -28.52 17.46 -49.53
C ASN A 402 -28.58 18.50 -50.64
N ASN A 403 -29.32 19.58 -50.38
CA ASN A 403 -29.56 20.64 -51.36
C ASN A 403 -28.64 21.83 -51.05
N ILE A 404 -27.74 22.14 -51.99
CA ILE A 404 -26.72 23.18 -51.79
C ILE A 404 -27.30 24.61 -51.83
N LEU A 405 -28.50 24.76 -52.37
CA LEU A 405 -29.26 26.02 -52.27
C LEU A 405 -29.40 26.50 -50.82
N THR A 406 -29.60 25.56 -49.89
CA THR A 406 -29.78 25.89 -48.47
C THR A 406 -28.54 26.57 -47.82
N VAL A 407 -27.35 26.23 -48.31
CA VAL A 407 -26.08 26.85 -47.85
C VAL A 407 -26.03 28.34 -48.22
N LEU A 408 -26.51 28.67 -49.42
CA LEU A 408 -26.52 30.05 -49.90
C LEU A 408 -27.46 30.97 -49.12
N LYS A 409 -28.49 30.39 -48.50
CA LYS A 409 -29.45 31.14 -47.69
C LYS A 409 -28.91 31.56 -46.31
N LEU A 410 -27.77 31.00 -45.91
CA LEU A 410 -27.10 31.38 -44.65
C LEU A 410 -26.54 32.79 -44.71
N LYS A 411 -26.93 33.64 -43.75
CA LYS A 411 -26.54 35.05 -43.75
C LYS A 411 -25.05 35.28 -43.46
N HIS A 412 -24.48 34.51 -42.54
CA HIS A 412 -23.10 34.72 -42.07
C HIS A 412 -22.08 33.73 -42.65
N PHE A 413 -22.47 32.94 -43.65
CA PHE A 413 -21.55 32.01 -44.32
C PHE A 413 -20.43 32.75 -45.07
N HIS A 414 -20.81 33.80 -45.80
CA HIS A 414 -19.87 34.55 -46.64
C HIS A 414 -18.96 35.55 -45.89
N PRO A 415 -19.49 36.32 -44.90
CA PRO A 415 -18.60 37.26 -44.18
C PRO A 415 -17.28 36.69 -43.63
N LEU A 416 -17.26 35.38 -43.33
CA LEU A 416 -16.04 34.67 -42.93
C LEU A 416 -14.95 34.63 -44.01
N PHE A 417 -15.34 34.73 -45.29
CA PHE A 417 -14.38 34.74 -46.42
C PHE A 417 -13.41 35.92 -46.33
N GLU A 418 -13.90 37.06 -45.83
CA GLU A 418 -13.06 38.25 -45.55
C GLU A 418 -11.71 37.91 -44.92
N TYR A 419 -11.75 37.06 -43.89
CA TYR A 419 -10.59 36.79 -43.03
C TYR A 419 -9.54 35.86 -43.67
N PHE A 420 -9.92 35.14 -44.72
CA PHE A 420 -9.00 34.24 -45.44
C PHE A 420 -7.81 34.96 -46.11
N ASP A 421 -6.87 34.14 -46.59
CA ASP A 421 -5.82 34.57 -47.50
C ASP A 421 -6.43 34.81 -48.90
N TYR A 422 -5.70 35.51 -49.77
CA TYR A 422 -6.11 35.67 -51.18
C TYR A 422 -6.22 34.31 -51.88
N GLU A 423 -5.27 33.43 -51.58
CA GLU A 423 -5.24 32.06 -52.15
C GLU A 423 -6.44 31.21 -51.72
N SER A 424 -6.88 31.35 -50.46
CA SER A 424 -7.97 30.55 -49.89
C SER A 424 -9.37 31.03 -50.29
N ARG A 425 -9.55 32.35 -50.46
CA ARG A 425 -10.78 32.90 -51.03
C ARG A 425 -11.05 32.36 -52.43
N LYS A 426 -9.99 32.30 -53.25
CA LYS A 426 -10.03 31.74 -54.60
C LYS A 426 -10.35 30.25 -54.55
N SER A 427 -9.66 29.53 -53.67
CA SER A 427 -9.86 28.09 -53.45
C SER A 427 -11.26 27.74 -52.95
N MET A 428 -11.73 28.49 -51.95
CA MET A 428 -13.03 28.21 -51.30
C MET A 428 -14.21 28.62 -52.17
N SER A 429 -14.14 29.81 -52.77
CA SER A 429 -15.17 30.29 -53.69
C SER A 429 -15.33 29.35 -54.88
N CYS A 430 -14.20 28.88 -55.41
CA CYS A 430 -14.18 27.88 -56.48
C CYS A 430 -14.84 26.57 -56.04
N TYR A 431 -14.51 26.11 -54.83
CA TYR A 431 -15.07 24.87 -54.25
C TYR A 431 -16.59 24.90 -54.06
N VAL A 432 -17.12 26.06 -53.65
CA VAL A 432 -18.58 26.22 -53.45
C VAL A 432 -19.28 26.26 -54.81
N LEU A 433 -18.80 27.14 -55.69
CA LEU A 433 -19.38 27.33 -57.03
C LEU A 433 -19.28 26.07 -57.91
N SER A 434 -18.15 25.35 -57.81
CA SER A 434 -17.98 24.05 -58.51
C SER A 434 -19.02 23.01 -58.09
N ASN A 435 -19.42 23.02 -56.82
CA ASN A 435 -20.42 22.08 -56.30
C ASN A 435 -21.84 22.43 -56.78
N VAL A 436 -22.12 23.72 -56.99
CA VAL A 436 -23.42 24.20 -57.51
C VAL A 436 -23.65 23.79 -58.98
N LEU A 437 -22.56 23.48 -59.70
CA LEU A 437 -22.62 22.93 -61.07
C LEU A 437 -22.61 21.41 -61.10
N ASP A 438 -21.77 20.80 -60.25
CA ASP A 438 -21.69 19.32 -60.13
C ASP A 438 -23.04 18.66 -59.79
N TYR A 439 -23.90 19.39 -59.09
CA TYR A 439 -25.32 19.04 -58.93
C TYR A 439 -26.12 20.17 -59.59
N ASN A 440 -27.10 19.81 -60.44
CA ASN A 440 -27.82 20.79 -61.26
C ASN A 440 -28.62 21.81 -60.44
N THR A 441 -28.86 22.97 -61.05
CA THR A 441 -29.47 24.11 -60.35
C THR A 441 -30.95 24.29 -60.73
N GLU A 442 -31.79 24.47 -59.71
CA GLU A 442 -33.17 24.95 -59.90
C GLU A 442 -33.14 26.47 -59.90
N ILE A 443 -34.30 27.10 -60.13
CA ILE A 443 -34.41 28.56 -60.06
C ILE A 443 -34.03 29.08 -58.67
N VAL A 444 -33.27 30.17 -58.65
CA VAL A 444 -32.71 30.73 -57.44
C VAL A 444 -33.61 31.88 -56.94
N SER A 445 -33.82 31.93 -55.63
CA SER A 445 -34.65 32.96 -54.99
C SER A 445 -33.86 34.26 -54.78
N GLN A 446 -34.53 35.29 -54.26
CA GLN A 446 -33.98 36.65 -54.16
C GLN A 446 -32.69 36.74 -53.32
N ASP A 447 -32.73 36.16 -52.12
CA ASP A 447 -31.56 36.14 -51.22
C ASP A 447 -30.38 35.33 -51.77
N GLN A 448 -30.69 34.25 -52.49
CA GLN A 448 -29.69 33.30 -52.99
C GLN A 448 -29.04 33.71 -54.33
N VAL A 449 -29.74 34.50 -55.15
CA VAL A 449 -29.14 35.12 -56.36
C VAL A 449 -28.02 36.07 -55.95
N ASP A 450 -28.26 36.82 -54.88
CA ASP A 450 -27.27 37.71 -54.27
C ASP A 450 -25.99 36.96 -53.86
N SER A 451 -26.15 35.85 -53.15
CA SER A 451 -25.01 35.09 -52.58
C SER A 451 -24.12 34.41 -53.64
N ILE A 452 -24.66 34.10 -54.81
CA ILE A 452 -23.87 33.48 -55.90
C ILE A 452 -22.92 34.50 -56.50
N MET A 453 -23.42 35.73 -56.74
CA MET A 453 -22.58 36.81 -57.26
C MET A 453 -21.53 37.29 -56.26
N ASN A 454 -21.86 37.25 -54.97
CA ASN A 454 -20.88 37.52 -53.91
C ASN A 454 -19.75 36.47 -53.89
N LEU A 455 -20.07 35.21 -54.20
CA LEU A 455 -19.06 34.16 -54.34
C LEU A 455 -18.14 34.37 -55.55
N VAL A 456 -18.70 34.87 -56.66
CA VAL A 456 -17.91 35.18 -57.86
C VAL A 456 -16.96 36.35 -57.59
N SER A 457 -17.45 37.37 -56.88
CA SER A 457 -16.63 38.56 -56.58
C SER A 457 -15.39 38.27 -55.75
N THR A 458 -15.46 37.26 -54.87
CA THR A 458 -14.29 36.79 -54.11
C THR A 458 -13.36 35.90 -54.95
N LEU A 459 -13.92 35.14 -55.88
CA LEU A 459 -13.16 34.27 -56.78
C LEU A 459 -12.23 35.03 -57.72
N ILE A 460 -12.80 35.96 -58.48
CA ILE A 460 -12.05 36.70 -59.51
C ILE A 460 -11.10 37.76 -58.91
N GLN A 461 -11.58 38.53 -57.94
CA GLN A 461 -10.82 39.64 -57.37
C GLN A 461 -9.98 39.16 -56.19
N PHE B 8 24.10 -56.12 35.36
CA PHE B 8 23.09 -56.12 36.46
C PHE B 8 22.02 -55.05 36.25
N GLY B 9 22.45 -53.79 36.15
CA GLY B 9 21.54 -52.65 35.96
C GLY B 9 21.06 -52.03 37.28
N PRO B 10 19.73 -51.80 37.42
CA PRO B 10 19.15 -51.39 38.70
C PRO B 10 18.41 -52.55 39.39
N ILE B 11 18.38 -52.52 40.72
CA ILE B 11 17.62 -53.50 41.51
C ILE B 11 16.12 -53.27 41.47
N CYS B 12 15.72 -52.00 41.38
CA CYS B 12 14.32 -51.62 41.46
C CYS B 12 14.04 -50.38 40.62
N GLU B 13 12.87 -50.33 40.00
CA GLU B 13 12.46 -49.17 39.21
C GLU B 13 11.16 -48.59 39.74
N ILE B 14 11.17 -47.28 39.95
CA ILE B 14 10.04 -46.56 40.55
C ILE B 14 9.20 -45.96 39.43
N ASP B 15 7.89 -46.21 39.47
CA ASP B 15 6.97 -45.66 38.49
C ASP B 15 5.80 -44.99 39.23
N ILE B 16 5.44 -43.78 38.80
CA ILE B 16 4.33 -43.04 39.38
C ILE B 16 3.18 -43.04 38.37
N VAL B 17 1.97 -43.28 38.87
CA VAL B 17 0.77 -43.35 38.03
C VAL B 17 -0.36 -42.63 38.77
N LEU B 18 -0.82 -41.51 38.20
CA LEU B 18 -1.89 -40.71 38.79
C LEU B 18 -3.22 -41.45 38.70
N ASN B 19 -4.07 -41.28 39.71
CA ASN B 19 -5.41 -41.91 39.74
C ASN B 19 -6.28 -41.51 38.57
N ASP B 20 -6.19 -40.25 38.15
CA ASP B 20 -6.93 -39.76 36.99
C ASP B 20 -6.03 -39.70 35.73
N GLY B 21 -5.24 -40.74 35.52
CA GLY B 21 -4.25 -40.77 34.45
C GLY B 21 -4.77 -41.01 33.04
N GLU B 22 -6.06 -41.33 32.92
CA GLU B 22 -6.72 -41.52 31.62
C GLU B 22 -7.51 -40.27 31.23
N THR B 23 -8.33 -39.79 32.15
CA THR B 23 -9.22 -38.66 31.89
C THR B 23 -8.53 -37.29 31.89
N ARG B 24 -7.42 -37.14 32.61
CA ARG B 24 -6.78 -35.83 32.79
C ARG B 24 -6.09 -35.35 31.52
N LYS B 25 -6.22 -34.04 31.28
CA LYS B 25 -5.65 -33.40 30.10
C LYS B 25 -4.16 -33.13 30.30
N ALA B 27 -0.41 -31.22 28.62
CA ALA B 27 0.04 -29.97 27.99
C ALA B 27 1.47 -30.11 27.50
N GLU B 28 1.93 -29.14 26.70
CA GLU B 28 3.25 -29.21 26.07
C GLU B 28 4.15 -28.06 26.51
N LYS B 30 7.90 -26.12 25.29
CA LYS B 30 9.10 -25.97 24.43
C LYS B 30 10.36 -25.85 25.31
N THR B 31 11.30 -26.80 25.14
CA THR B 31 12.58 -26.79 25.86
C THR B 31 13.73 -26.40 24.89
N GLU B 32 14.99 -26.63 25.28
CA GLU B 32 16.15 -26.23 24.45
C GLU B 32 16.29 -27.00 23.12
N ASP B 33 16.63 -26.27 22.07
CA ASP B 33 16.77 -26.79 20.69
C ASP B 33 15.49 -27.47 20.12
N GLY B 34 14.34 -26.85 20.38
CA GLY B 34 13.07 -27.22 19.74
C GLY B 34 12.30 -28.43 20.25
N LYS B 35 12.78 -29.07 21.33
CA LYS B 35 12.14 -30.27 21.87
C LYS B 35 10.83 -29.90 22.59
N VAL B 36 9.84 -30.80 22.50
CA VAL B 36 8.50 -30.57 23.04
C VAL B 36 8.08 -31.72 23.97
N GLU B 37 8.28 -31.52 25.27
CA GLU B 37 7.82 -32.46 26.30
C GLU B 37 6.31 -32.37 26.48
N LYS B 38 5.73 -33.44 27.01
CA LYS B 38 4.30 -33.48 27.31
C LYS B 38 4.07 -34.08 28.71
N HIS B 39 3.43 -33.31 29.59
CA HIS B 39 3.16 -33.73 30.97
C HIS B 39 1.73 -33.40 31.39
N TYR B 40 1.26 -34.02 32.46
CA TYR B 40 -0.09 -33.79 32.98
C TYR B 40 -0.29 -32.35 33.47
N LEU B 41 -1.46 -31.78 33.19
CA LEU B 41 -1.76 -30.38 33.50
C LEU B 41 -2.52 -30.27 34.80
N PHE B 42 -2.06 -29.37 35.68
CA PHE B 42 -2.67 -29.13 36.98
C PHE B 42 -2.95 -27.65 37.20
N TYR B 43 -3.86 -27.36 38.11
CA TYR B 43 -4.28 -26.01 38.44
C TYR B 43 -4.19 -25.78 39.94
N ASP B 44 -3.87 -24.55 40.33
CA ASP B 44 -3.81 -24.15 41.73
C ASP B 44 -5.06 -24.65 42.46
N GLY B 45 -4.85 -25.35 43.57
CA GLY B 45 -5.94 -25.88 44.38
C GLY B 45 -6.29 -27.34 44.18
N GLU B 46 -5.95 -27.92 43.02
CA GLU B 46 -6.21 -29.34 42.74
C GLU B 46 -5.42 -30.30 43.62
N SER B 47 -6.05 -31.40 44.00
CA SER B 47 -5.37 -32.47 44.73
C SER B 47 -4.59 -33.35 43.74
N VAL B 48 -3.37 -33.71 44.14
CA VAL B 48 -2.55 -34.67 43.41
C VAL B 48 -2.56 -35.99 44.17
N SER B 49 -2.94 -37.07 43.50
CA SER B 49 -2.97 -38.40 44.11
C SER B 49 -2.77 -39.49 43.07
N GLY B 50 -2.31 -40.64 43.52
CA GLY B 50 -2.02 -41.75 42.62
C GLY B 50 -1.39 -42.94 43.31
N LYS B 51 -0.48 -43.60 42.60
CA LYS B 51 0.26 -44.73 43.13
C LYS B 51 1.75 -44.64 42.79
N VAL B 52 2.59 -45.04 43.75
CA VAL B 52 4.01 -45.28 43.52
C VAL B 52 4.16 -46.78 43.32
N ASN B 53 4.61 -47.21 42.15
CA ASN B 53 4.75 -48.63 41.83
C ASN B 53 6.22 -49.03 41.74
N LEU B 54 6.68 -49.82 42.71
CA LEU B 54 8.03 -50.36 42.68
C LEU B 54 8.02 -51.69 41.95
N ALA B 55 8.68 -51.73 40.79
CA ALA B 55 8.90 -52.98 40.06
C ALA B 55 10.24 -53.56 40.49
N PHE B 56 10.22 -54.82 40.94
CA PHE B 56 11.44 -55.50 41.39
C PHE B 56 12.04 -56.26 40.22
N LYS B 57 13.30 -55.99 39.91
CA LYS B 57 13.94 -56.48 38.68
C LYS B 57 14.90 -57.66 38.86
N GLN B 58 15.60 -57.73 40.00
CA GLN B 58 16.53 -58.83 40.29
C GLN B 58 15.92 -59.81 41.31
N PRO B 59 15.09 -60.78 40.86
CA PRO B 59 14.53 -61.73 41.82
C PRO B 59 15.61 -62.63 42.44
N GLY B 60 15.51 -62.84 43.75
CA GLY B 60 16.57 -63.46 44.55
C GLY B 60 17.15 -62.46 45.54
N LYS B 61 17.54 -61.29 45.01
CA LYS B 61 18.13 -60.22 45.82
C LYS B 61 17.10 -59.47 46.69
N ARG B 62 17.63 -58.68 47.63
CA ARG B 62 16.83 -57.91 48.60
C ARG B 62 17.34 -56.48 48.73
N LEU B 63 16.42 -55.56 49.02
CA LEU B 63 16.68 -54.12 48.99
C LEU B 63 16.46 -53.51 50.38
N GLU B 64 17.57 -53.28 51.08
CA GLU B 64 17.55 -52.73 52.42
C GLU B 64 17.45 -51.21 52.33
N HIS B 65 16.45 -50.63 52.99
CA HIS B 65 16.22 -49.18 52.97
C HIS B 65 15.88 -48.62 54.35
N GLN B 66 16.14 -47.33 54.56
CA GLN B 66 15.81 -46.60 55.80
C GLN B 66 14.64 -45.62 55.63
N GLY B 67 13.78 -45.89 54.65
CA GLY B 67 12.49 -45.25 54.50
C GLY B 67 12.19 -44.98 53.04
N ILE B 68 10.90 -44.87 52.72
CA ILE B 68 10.44 -44.48 51.39
C ILE B 68 9.48 -43.33 51.59
N ARG B 69 9.64 -42.28 50.77
CA ARG B 69 8.74 -41.12 50.79
C ARG B 69 8.40 -40.68 49.38
N ILE B 70 7.40 -39.81 49.29
CA ILE B 70 7.07 -39.11 48.05
C ILE B 70 6.84 -37.63 48.37
N GLU B 71 7.34 -36.76 47.49
CA GLU B 71 7.29 -35.32 47.69
C GLU B 71 6.65 -34.69 46.48
N PHE B 72 5.80 -33.70 46.71
CA PHE B 72 5.35 -32.83 45.64
C PHE B 72 6.22 -31.59 45.79
N VAL B 73 6.83 -31.17 44.68
CA VAL B 73 7.80 -30.08 44.68
C VAL B 73 7.48 -29.09 43.57
N GLY B 74 7.48 -27.80 43.90
CA GLY B 74 7.48 -26.74 42.92
C GLY B 74 8.66 -25.86 43.25
N GLN B 75 9.52 -25.61 42.26
CA GLN B 75 10.78 -24.90 42.49
C GLN B 75 11.21 -24.04 41.30
N ILE B 76 12.05 -23.05 41.58
CA ILE B 76 12.60 -22.15 40.56
C ILE B 76 14.10 -22.37 40.48
N GLU B 77 14.61 -22.55 39.26
CA GLU B 77 16.02 -22.82 38.99
C GLU B 77 16.60 -21.67 38.19
N LEU B 78 17.73 -21.10 38.64
CA LEU B 78 18.37 -19.96 37.99
C LEU B 78 19.78 -20.25 37.45
N PHE B 79 20.04 -19.84 36.20
CA PHE B 79 21.36 -19.93 35.54
C PHE B 79 21.98 -21.33 35.50
N ASN B 80 21.14 -22.37 35.45
CA ASN B 80 21.58 -23.77 35.37
C ASN B 80 22.48 -24.21 36.54
N ASP B 81 22.26 -23.61 37.72
CA ASP B 81 23.14 -23.71 38.87
C ASP B 81 22.34 -24.38 39.99
N LYS B 82 22.62 -25.66 40.25
CA LYS B 82 21.93 -26.41 41.32
C LYS B 82 21.86 -25.68 42.68
N SER B 83 22.92 -24.97 43.05
CA SER B 83 22.98 -24.26 44.33
C SER B 83 22.07 -23.04 44.43
N ASN B 84 21.52 -22.58 43.29
CA ASN B 84 20.54 -21.48 43.24
C ASN B 84 19.08 -21.93 43.25
N THR B 85 18.81 -23.24 43.26
CA THR B 85 17.44 -23.74 43.24
C THR B 85 16.71 -23.41 44.55
N HIS B 86 15.51 -22.82 44.44
CA HIS B 86 14.66 -22.52 45.59
C HIS B 86 13.30 -23.19 45.42
N GLU B 87 12.97 -24.11 46.34
CA GLU B 87 11.65 -24.69 46.41
C GLU B 87 10.71 -23.67 47.07
N PHE B 88 9.62 -23.36 46.38
CA PHE B 88 8.54 -22.50 46.91
C PHE B 88 7.36 -23.32 47.44
N VAL B 89 7.31 -24.61 47.08
CA VAL B 89 6.30 -25.54 47.58
C VAL B 89 6.97 -26.90 47.77
N ASN B 90 6.84 -27.45 48.97
CA ASN B 90 7.29 -28.81 49.29
C ASN B 90 6.28 -29.46 50.22
N LEU B 91 5.79 -30.63 49.82
CA LEU B 91 4.90 -31.45 50.63
C LEU B 91 5.49 -32.85 50.68
N VAL B 92 5.37 -33.53 51.82
CA VAL B 92 5.94 -34.85 52.02
C VAL B 92 4.87 -35.86 52.43
N LYS B 93 4.94 -37.07 51.87
CA LYS B 93 4.22 -38.20 52.40
C LYS B 93 5.19 -39.35 52.58
N GLU B 94 5.31 -39.83 53.81
CA GLU B 94 6.11 -40.99 54.11
C GLU B 94 5.29 -42.21 53.69
N LEU B 95 5.88 -43.09 52.89
CA LEU B 95 5.19 -44.28 52.37
C LEU B 95 5.58 -45.58 53.08
N ALA B 96 6.76 -45.61 53.70
CA ALA B 96 7.26 -46.82 54.35
C ALA B 96 8.33 -46.50 55.37
N LEU B 97 8.32 -47.25 56.48
CA LEU B 97 9.36 -47.19 57.50
C LEU B 97 10.57 -47.99 57.02
N PRO B 98 11.73 -47.79 57.68
CA PRO B 98 12.90 -48.60 57.37
C PRO B 98 12.57 -50.10 57.33
N GLY B 99 12.96 -50.78 56.26
CA GLY B 99 12.59 -52.19 56.06
C GLY B 99 13.37 -52.88 54.97
N GLU B 100 12.77 -53.93 54.39
CA GLU B 100 13.29 -54.61 53.20
C GLU B 100 12.24 -54.70 52.10
N LEU B 101 12.70 -54.92 50.87
CA LEU B 101 11.82 -55.27 49.76
C LEU B 101 12.41 -56.44 49.01
N THR B 102 11.62 -57.50 48.88
CA THR B 102 11.99 -58.69 48.12
C THR B 102 11.26 -58.79 46.77
N GLN B 103 10.04 -58.24 46.70
CA GLN B 103 9.20 -58.32 45.51
C GLN B 103 8.66 -56.93 45.14
N SER B 104 7.86 -56.88 44.08
CA SER B 104 7.17 -55.66 43.66
C SER B 104 6.08 -55.27 44.66
N ARG B 105 5.87 -53.97 44.81
CA ARG B 105 4.85 -53.43 45.71
C ARG B 105 4.44 -52.03 45.25
N SER B 106 3.22 -51.63 45.61
CA SER B 106 2.70 -50.29 45.31
C SER B 106 2.17 -49.56 46.55
N TYR B 107 2.31 -48.24 46.58
CA TYR B 107 1.86 -47.41 47.70
C TYR B 107 0.92 -46.31 47.22
N ASP B 108 -0.12 -46.03 48.00
CA ASP B 108 -1.03 -44.91 47.72
C ASP B 108 -0.48 -43.61 48.29
N PHE B 109 -0.75 -42.51 47.59
CA PHE B 109 -0.47 -41.15 48.11
C PHE B 109 -1.56 -40.19 47.68
N GLU B 110 -1.81 -39.20 48.53
CA GLU B 110 -2.73 -38.11 48.21
C GLU B 110 -2.26 -36.83 48.88
N PHE B 111 -2.01 -35.79 48.08
CA PHE B 111 -1.78 -34.44 48.58
C PHE B 111 -3.08 -33.66 48.43
N GLN B 113 -5.63 -30.74 48.16
CA GLN B 113 -5.78 -29.34 47.74
C GLN B 113 -4.44 -28.58 47.68
N VAL B 114 -3.60 -28.97 46.73
CA VAL B 114 -2.22 -28.50 46.67
C VAL B 114 -2.14 -27.08 46.12
N GLU B 115 -1.49 -26.19 46.87
CA GLU B 115 -1.22 -24.84 46.43
C GLU B 115 -0.12 -24.85 45.37
N LYS B 116 -0.39 -24.20 44.23
CA LYS B 116 0.54 -24.13 43.11
C LYS B 116 0.47 -22.70 42.58
N PRO B 117 1.15 -21.76 43.26
CA PRO B 117 0.93 -20.33 43.00
C PRO B 117 1.44 -19.79 41.67
N TYR B 118 2.35 -20.52 41.00
CA TYR B 118 3.00 -20.02 39.78
C TYR B 118 2.82 -20.95 38.59
N GLU B 119 2.88 -20.37 37.39
CA GLU B 119 2.77 -21.13 36.14
C GLU B 119 4.15 -21.67 35.75
N SER B 120 4.19 -22.94 35.31
CA SER B 120 5.42 -23.59 34.85
C SER B 120 6.03 -22.80 33.72
N TYR B 121 7.35 -22.64 33.73
CA TYR B 121 8.04 -21.87 32.71
C TYR B 121 9.43 -22.41 32.46
N ILE B 122 9.81 -22.44 31.18
CA ILE B 122 11.17 -22.77 30.78
C ILE B 122 11.67 -21.62 29.92
N GLY B 123 12.75 -20.99 30.37
CA GLY B 123 13.38 -19.90 29.64
C GLY B 123 14.89 -20.07 29.52
N ALA B 124 15.58 -18.95 29.36
CA ALA B 124 17.03 -18.95 29.14
C ALA B 124 17.77 -19.16 30.44
N ASN B 125 17.56 -18.24 31.37
CA ASN B 125 18.23 -18.24 32.66
C ASN B 125 17.31 -18.71 33.80
N VAL B 126 16.06 -19.07 33.49
CA VAL B 126 15.09 -19.43 34.53
C VAL B 126 14.26 -20.63 34.11
N ARG B 127 14.09 -21.57 35.03
CA ARG B 127 13.07 -22.61 34.91
C ARG B 127 12.23 -22.63 36.18
N LEU B 128 10.92 -22.69 36.02
CA LEU B 128 10.02 -22.93 37.14
C LEU B 128 9.32 -24.23 36.80
N ARG B 129 9.48 -25.27 37.62
CA ARG B 129 8.87 -26.56 37.35
C ARG B 129 8.34 -27.24 38.58
N TYR B 130 7.23 -27.96 38.39
CA TYR B 130 6.65 -28.81 39.42
C TYR B 130 6.95 -30.26 39.10
N PHE B 131 7.05 -31.09 40.14
CA PHE B 131 7.23 -32.53 39.98
C PHE B 131 6.96 -33.31 41.26
N LEU B 132 6.60 -34.57 41.09
CA LEU B 132 6.58 -35.53 42.18
C LEU B 132 7.96 -36.17 42.22
N LYS B 133 8.51 -36.34 43.42
CA LYS B 133 9.81 -36.97 43.60
C LYS B 133 9.69 -38.08 44.62
N VAL B 134 9.89 -39.33 44.19
CA VAL B 134 9.93 -40.47 45.10
C VAL B 134 11.38 -40.76 45.44
N THR B 135 11.63 -41.00 46.73
CA THR B 135 12.96 -41.32 47.26
C THR B 135 12.88 -42.59 48.11
N ILE B 136 13.62 -43.62 47.73
CA ILE B 136 13.88 -44.78 48.59
C ILE B 136 15.25 -44.53 49.21
N VAL B 137 15.29 -44.38 50.52
CA VAL B 137 16.53 -44.02 51.20
C VAL B 137 17.34 -45.28 51.41
N ARG B 138 18.62 -45.24 51.04
CA ARG B 138 19.55 -46.35 51.23
C ARG B 138 20.79 -45.85 51.95
N ARG B 139 21.63 -46.79 52.37
CA ARG B 139 22.80 -46.49 53.22
C ARG B 139 23.80 -45.47 52.64
N LEU B 140 24.07 -45.54 51.32
CA LEU B 140 25.04 -44.63 50.67
C LEU B 140 24.51 -43.83 49.46
N THR B 141 23.65 -44.43 48.65
CA THR B 141 23.08 -43.79 47.47
C THR B 141 21.58 -44.03 47.44
N ASP B 142 20.79 -42.95 47.43
CA ASP B 142 19.33 -43.07 47.33
C ASP B 142 18.89 -43.40 45.90
N LEU B 143 17.83 -44.20 45.78
CA LEU B 143 17.10 -44.36 44.53
C LEU B 143 16.04 -43.26 44.44
N VAL B 144 16.12 -42.43 43.41
CA VAL B 144 15.30 -41.22 43.27
C VAL B 144 14.58 -41.23 41.92
N LYS B 145 13.29 -40.92 41.92
CA LYS B 145 12.51 -40.85 40.66
C LYS B 145 11.66 -39.59 40.62
N GLU B 146 11.96 -38.70 39.67
CA GLU B 146 11.16 -37.50 39.45
C GLU B 146 10.07 -37.78 38.40
N TYR B 147 8.93 -37.11 38.56
CA TYR B 147 7.77 -37.24 37.67
C TYR B 147 7.17 -35.85 37.45
N ASP B 148 7.42 -35.28 36.27
CA ASP B 148 7.12 -33.86 36.00
C ASP B 148 5.65 -33.56 35.76
N LEU B 149 5.27 -32.31 36.03
CA LEU B 149 3.90 -31.81 35.86
C LEU B 149 3.90 -30.39 35.32
N ILE B 150 2.94 -30.08 34.43
CA ILE B 150 2.69 -28.69 34.01
C ILE B 150 1.62 -28.11 34.93
N VAL B 151 1.79 -26.84 35.29
CA VAL B 151 0.76 -26.09 35.99
C VAL B 151 0.55 -24.81 35.20
N HIS B 152 -0.68 -24.59 34.72
CA HIS B 152 -1.09 -23.31 34.16
C HIS B 152 -1.86 -22.52 35.22
N GLN B 153 -1.74 -21.19 35.13
CA GLN B 153 -2.43 -20.24 35.99
C GLN B 153 -3.42 -19.47 35.12
N LEU B 154 -4.68 -19.47 35.54
CA LEU B 154 -5.75 -18.87 34.76
C LEU B 154 -6.15 -17.50 35.29
N ALA B 155 -6.77 -16.71 34.42
CA ALA B 155 -7.41 -15.46 34.82
C ALA B 155 -8.70 -15.26 34.05
N THR B 156 -9.45 -14.25 34.48
CA THR B 156 -10.68 -13.85 33.81
C THR B 156 -10.46 -12.52 33.11
N TYR B 157 -11.49 -12.05 32.41
CA TYR B 157 -11.43 -10.75 31.76
C TYR B 157 -11.17 -9.65 32.80
N PRO B 158 -10.21 -8.76 32.54
CA PRO B 158 -9.88 -7.73 33.52
C PRO B 158 -10.96 -6.68 33.71
N ASP B 159 -11.06 -6.17 34.94
CA ASP B 159 -11.93 -5.04 35.27
C ASP B 159 -11.73 -3.91 34.27
N VAL B 160 -10.49 -3.42 34.21
CA VAL B 160 -10.11 -2.30 33.34
C VAL B 160 -9.19 -2.83 32.24
N ASN B 161 -9.44 -2.38 31.01
CA ASN B 161 -8.60 -2.70 29.87
C ASN B 161 -8.62 -1.52 28.92
N ASN B 162 -7.79 -0.52 29.21
CA ASN B 162 -7.75 0.70 28.42
C ASN B 162 -6.98 0.47 27.14
N SER B 163 -7.40 1.16 26.08
CA SER B 163 -6.65 1.17 24.82
C SER B 163 -5.36 1.95 25.04
N ILE B 164 -4.33 1.58 24.29
CA ILE B 164 -3.08 2.34 24.29
C ILE B 164 -3.19 3.32 23.13
N LYS B 165 -2.98 4.61 23.42
CA LYS B 165 -3.05 5.67 22.40
C LYS B 165 -2.06 6.77 22.73
N GLU B 167 0.79 10.00 20.91
CA GLU B 167 1.50 10.68 19.85
C GLU B 167 3.00 10.61 20.12
N VAL B 168 3.77 10.11 19.15
CA VAL B 168 5.23 10.05 19.22
C VAL B 168 5.84 10.58 17.93
N GLY B 169 7.11 10.98 17.98
CA GLY B 169 7.77 11.51 16.78
C GLY B 169 9.25 11.84 16.83
N ILE B 170 9.70 12.46 15.75
CA ILE B 170 11.00 13.12 15.66
C ILE B 170 10.69 14.55 15.25
N GLU B 171 10.87 15.51 16.16
CA GLU B 171 10.46 16.90 15.90
C GLU B 171 10.89 17.42 14.52
N ASP B 172 9.90 17.94 13.78
CA ASP B 172 10.06 18.47 12.42
C ASP B 172 10.62 17.45 11.41
N CYS B 173 10.22 16.19 11.56
CA CYS B 173 10.51 15.12 10.59
C CYS B 173 9.30 14.20 10.44
N LEU B 174 8.90 13.58 11.56
CA LEU B 174 7.84 12.59 11.57
C LEU B 174 7.05 12.69 12.86
N HIS B 175 5.73 12.92 12.75
CA HIS B 175 4.81 12.85 13.89
C HIS B 175 3.77 11.80 13.56
N ILE B 176 3.64 10.79 14.43
CA ILE B 176 2.60 9.77 14.29
C ILE B 176 1.81 9.57 15.58
N GLU B 177 0.59 9.07 15.41
CA GLU B 177 -0.29 8.72 16.50
C GLU B 177 -0.64 7.25 16.30
N PHE B 178 -0.21 6.39 17.23
CA PHE B 178 -0.54 4.96 17.16
C PHE B 178 -1.58 4.61 18.21
N GLU B 179 -2.29 3.51 17.97
CA GLU B 179 -3.34 3.09 18.88
C GLU B 179 -3.51 1.58 18.80
N TYR B 180 -3.44 0.91 19.95
CA TYR B 180 -3.74 -0.52 20.08
C TYR B 180 -5.01 -0.63 20.92
N ASN B 181 -5.92 -1.51 20.52
CA ASN B 181 -7.26 -1.59 21.11
C ASN B 181 -7.31 -1.96 22.59
N LYS B 182 -6.27 -2.59 23.12
CA LYS B 182 -6.22 -2.98 24.53
C LYS B 182 -4.82 -2.81 25.13
N SER B 183 -4.77 -2.88 26.46
CA SER B 183 -3.52 -3.04 27.21
C SER B 183 -3.23 -4.52 27.52
N LYS B 184 -4.30 -5.32 27.67
CA LYS B 184 -4.20 -6.71 28.13
C LYS B 184 -4.85 -7.65 27.13
N TYR B 185 -4.05 -8.54 26.55
CA TYR B 185 -4.49 -9.46 25.51
C TYR B 185 -4.32 -10.88 25.99
N HIS B 186 -5.31 -11.73 25.75
CA HIS B 186 -5.17 -13.17 26.05
C HIS B 186 -4.33 -13.88 24.98
N LEU B 187 -3.97 -15.14 25.21
CA LEU B 187 -2.93 -15.80 24.41
C LEU B 187 -3.31 -16.04 22.94
N LYS B 188 -4.61 -16.15 22.67
CA LYS B 188 -5.12 -16.22 21.29
C LYS B 188 -6.00 -14.99 20.97
N ASP B 189 -5.51 -13.81 21.34
CA ASP B 189 -6.20 -12.53 21.11
C ASP B 189 -5.59 -11.89 19.86
N VAL B 190 -6.15 -10.76 19.46
CA VAL B 190 -5.75 -10.07 18.25
C VAL B 190 -5.43 -8.62 18.59
N ILE B 191 -4.25 -8.14 18.19
CA ILE B 191 -3.91 -6.71 18.27
C ILE B 191 -4.65 -6.02 17.12
N VAL B 192 -5.72 -5.29 17.44
CA VAL B 192 -6.40 -4.46 16.47
C VAL B 192 -5.93 -3.05 16.78
N GLY B 193 -5.43 -2.33 15.78
CA GLY B 193 -4.89 -1.00 16.01
C GLY B 193 -4.79 -0.19 14.74
N LYS B 194 -4.29 1.03 14.87
CA LYS B 194 -3.99 1.85 13.69
C LYS B 194 -2.88 2.87 13.93
N ILE B 195 -2.14 3.15 12.87
CA ILE B 195 -1.11 4.18 12.85
C ILE B 195 -1.68 5.32 12.01
N TYR B 196 -1.52 6.55 12.49
CA TYR B 196 -2.05 7.75 11.83
C TYR B 196 -0.94 8.78 11.68
N PHE B 197 -0.77 9.28 10.46
CA PHE B 197 0.37 10.13 10.13
C PHE B 197 -0.03 11.62 10.15
N LEU B 198 0.53 12.38 11.09
CA LEU B 198 0.21 13.82 11.25
C LEU B 198 1.19 14.75 10.54
N LEU B 199 2.45 14.33 10.42
CA LEU B 199 3.51 15.10 9.75
C LEU B 199 4.53 14.12 9.19
N VAL B 200 4.82 14.21 7.88
CA VAL B 200 5.78 13.29 7.25
C VAL B 200 6.73 14.03 6.33
N ARG B 201 7.97 14.20 6.81
CA ARG B 201 9.04 14.83 6.05
C ARG B 201 10.25 13.92 5.96
N ILE B 202 10.02 12.62 5.91
CA ILE B 202 11.07 11.67 5.58
C ILE B 202 10.48 10.66 4.61
N LYS B 203 11.37 9.91 3.97
CA LYS B 203 10.98 8.93 2.99
C LYS B 203 10.99 7.60 3.70
N ILE B 204 9.81 7.06 4.01
CA ILE B 204 9.71 5.81 4.75
C ILE B 204 9.65 4.65 3.75
N GLN B 205 10.49 3.65 3.98
CA GLN B 205 10.55 2.45 3.14
C GLN B 205 9.43 1.50 3.54
N HIS B 206 9.42 1.10 4.83
CA HIS B 206 8.39 0.21 5.38
C HIS B 206 8.27 0.36 6.92
N GLU B 208 6.86 -1.77 10.50
CA GLU B 208 6.53 -3.09 11.05
C GLU B 208 6.24 -3.02 12.54
N LEU B 209 5.43 -3.97 13.00
CA LEU B 209 5.12 -4.15 14.41
C LEU B 209 5.86 -5.41 14.87
N GLN B 210 6.56 -5.31 15.99
CA GLN B 210 7.29 -6.45 16.54
C GLN B 210 6.74 -6.79 17.91
N LEU B 211 6.57 -8.09 18.17
CA LEU B 211 6.29 -8.58 19.51
C LEU B 211 7.61 -9.02 20.15
N ILE B 212 7.98 -8.38 21.25
CA ILE B 212 9.25 -8.62 21.95
C ILE B 212 9.01 -9.22 23.34
N LYS B 213 9.74 -10.30 23.66
CA LYS B 213 9.66 -10.99 24.97
C LYS B 213 10.94 -10.76 25.79
N LYS B 214 10.81 -10.16 26.97
CA LYS B 214 11.93 -9.90 27.85
C LYS B 214 11.87 -10.83 29.06
N GLU B 215 12.99 -11.49 29.37
CA GLU B 215 13.11 -12.34 30.56
C GLU B 215 14.09 -11.73 31.54
N ILE B 216 13.56 -11.05 32.56
CA ILE B 216 14.37 -10.35 33.54
C ILE B 216 14.60 -11.25 34.76
N THR B 217 15.87 -11.54 35.07
CA THR B 217 16.28 -12.41 36.18
C THR B 217 17.06 -11.61 37.21
N GLY B 218 16.96 -12.02 38.47
CA GLY B 218 17.78 -11.46 39.55
C GLY B 218 17.14 -10.32 40.33
N ILE B 219 17.88 -9.82 41.34
CA ILE B 219 17.38 -8.85 42.33
C ILE B 219 18.27 -7.58 42.39
N GLY B 220 17.65 -6.40 42.20
CA GLY B 220 18.35 -5.13 42.35
C GLY B 220 19.34 -4.84 41.23
N PRO B 221 20.57 -4.40 41.57
CA PRO B 221 21.64 -4.26 40.56
C PRO B 221 22.10 -5.59 39.94
N SER B 222 21.95 -6.70 40.66
CA SER B 222 22.05 -8.05 40.09
C SER B 222 20.83 -8.31 39.20
N THR B 223 20.87 -7.82 37.95
CA THR B 223 19.76 -7.95 37.00
C THR B 223 20.31 -8.33 35.63
N THR B 224 19.80 -9.44 35.08
CA THR B 224 20.13 -9.87 33.73
C THR B 224 18.84 -9.87 32.91
N THR B 225 18.89 -9.32 31.70
CA THR B 225 17.73 -9.25 30.83
C THR B 225 18.03 -9.97 29.52
N GLU B 226 17.28 -11.03 29.22
CA GLU B 226 17.36 -11.73 27.95
C GLU B 226 16.19 -11.27 27.09
N THR B 227 16.49 -10.79 25.88
CA THR B 227 15.49 -10.33 24.94
C THR B 227 15.40 -11.30 23.76
N GLU B 228 14.19 -11.51 23.26
CA GLU B 228 13.94 -12.36 22.10
C GLU B 228 12.79 -11.71 21.31
N THR B 229 13.00 -11.48 20.01
CA THR B 229 11.97 -10.91 19.15
C THR B 229 11.13 -12.05 18.57
N ILE B 230 9.93 -12.21 19.11
CA ILE B 230 9.04 -13.32 18.76
C ILE B 230 8.32 -13.14 17.42
N ALA B 231 8.05 -11.90 17.03
CA ALA B 231 7.39 -11.61 15.75
C ALA B 231 7.89 -10.32 15.11
N LYS B 232 8.05 -10.36 13.78
CA LYS B 232 8.22 -9.17 12.96
C LYS B 232 7.09 -9.17 11.93
N TYR B 233 6.17 -8.23 12.07
CA TYR B 233 4.97 -8.14 11.25
C TYR B 233 5.00 -6.82 10.50
N GLU B 234 5.28 -6.86 9.20
CA GLU B 234 5.19 -5.66 8.35
C GLU B 234 3.73 -5.23 8.33
N ILE B 235 3.49 -3.94 8.55
CA ILE B 235 2.14 -3.33 8.47
C ILE B 235 2.01 -2.22 7.42
N ASP B 237 4.03 -0.85 3.58
CA ASP B 237 5.06 -0.90 2.54
C ASP B 237 4.90 0.37 1.70
N GLY B 238 5.86 1.28 1.82
CA GLY B 238 5.85 2.52 1.03
C GLY B 238 5.78 3.79 1.86
N ALA B 239 5.90 4.93 1.18
CA ALA B 239 5.98 6.25 1.82
C ALA B 239 4.61 6.92 1.94
N PRO B 240 4.07 7.05 3.17
CA PRO B 240 2.80 7.73 3.34
C PRO B 240 2.97 9.24 3.36
N VAL B 241 1.83 9.93 3.37
CA VAL B 241 1.77 11.37 3.56
C VAL B 241 0.89 11.60 4.76
N LYS B 242 0.74 12.86 5.19
CA LYS B 242 -0.10 13.14 6.34
C LYS B 242 -1.56 12.82 6.04
N GLY B 243 -2.31 12.53 7.08
CA GLY B 243 -3.72 12.14 6.95
C GLY B 243 -3.94 10.70 6.55
N GLU B 244 -2.86 9.93 6.45
CA GLU B 244 -2.93 8.55 5.99
C GLU B 244 -3.05 7.64 7.21
N SER B 245 -4.01 6.71 7.18
CA SER B 245 -4.21 5.75 8.26
C SER B 245 -3.79 4.38 7.81
N ILE B 246 -3.26 3.58 8.74
CA ILE B 246 -2.73 2.26 8.45
C ILE B 246 -3.31 1.26 9.44
N PRO B 247 -4.04 0.24 8.96
CA PRO B 247 -4.66 -0.70 9.89
C PRO B 247 -3.71 -1.80 10.35
N ILE B 248 -3.82 -2.15 11.64
CA ILE B 248 -3.08 -3.26 12.24
C ILE B 248 -4.08 -4.35 12.58
N ARG B 249 -3.74 -5.58 12.22
CA ARG B 249 -4.46 -6.75 12.72
C ARG B 249 -3.48 -7.92 12.86
N LEU B 250 -2.95 -8.07 14.08
CA LEU B 250 -1.90 -9.04 14.39
C LEU B 250 -2.41 -10.15 15.33
N PHE B 251 -2.60 -11.34 14.79
CA PHE B 251 -3.13 -12.48 15.55
C PHE B 251 -2.03 -13.14 16.37
N LEU B 252 -2.20 -13.14 17.68
CA LEU B 252 -1.21 -13.71 18.61
C LEU B 252 -1.18 -15.23 18.60
N ALA B 253 -2.24 -15.87 18.11
CA ALA B 253 -2.28 -17.33 17.97
C ALA B 253 -1.11 -17.87 17.14
N GLY B 254 -0.68 -17.11 16.14
CA GLY B 254 0.45 -17.50 15.29
C GLY B 254 1.84 -17.54 15.92
N TYR B 255 1.99 -17.12 17.18
CA TYR B 255 3.31 -17.04 17.82
C TYR B 255 3.44 -17.78 19.17
N ASP B 256 2.40 -18.50 19.58
CA ASP B 256 2.37 -19.22 20.86
C ASP B 256 3.25 -18.65 22.00
N PRO B 257 2.90 -17.46 22.51
CA PRO B 257 3.66 -16.87 23.62
C PRO B 257 3.20 -17.38 24.98
N THR B 258 4.00 -17.08 26.01
CA THR B 258 3.64 -17.42 27.39
C THR B 258 2.95 -16.20 27.99
N PRO B 259 2.26 -16.38 29.13
CA PRO B 259 1.71 -15.22 29.83
C PRO B 259 2.80 -14.30 30.36
N THR B 260 2.44 -13.04 30.57
CA THR B 260 3.25 -12.12 31.36
C THR B 260 3.34 -12.68 32.78
N ARG B 262 5.04 -11.50 36.46
CA ARG B 262 5.63 -10.30 37.08
C ARG B 262 6.19 -10.59 38.48
N ASP B 263 7.51 -10.46 38.65
CA ASP B 263 8.18 -10.65 39.95
C ASP B 263 7.75 -11.96 40.65
N VAL B 264 7.80 -13.06 39.88
CA VAL B 264 7.45 -14.38 40.39
C VAL B 264 8.44 -14.76 41.48
N ASN B 265 7.92 -14.93 42.69
CA ASN B 265 8.70 -15.28 43.88
C ASN B 265 9.80 -14.26 44.18
N LYS B 266 9.64 -13.04 43.70
CA LYS B 266 10.68 -11.99 43.72
C LYS B 266 12.03 -12.43 43.11
N LYS B 267 11.98 -13.27 42.08
CA LYS B 267 13.18 -13.82 41.43
C LYS B 267 13.29 -13.50 39.94
N PHE B 268 12.19 -13.60 39.19
CA PHE B 268 12.21 -13.30 37.76
C PHE B 268 10.90 -12.76 37.20
N SER B 269 11.01 -12.11 36.04
CA SER B 269 9.88 -11.52 35.31
C SER B 269 9.97 -11.91 33.85
N VAL B 270 8.81 -12.05 33.21
CA VAL B 270 8.72 -12.22 31.77
C VAL B 270 7.66 -11.25 31.28
N ARG B 271 8.06 -10.34 30.40
CA ARG B 271 7.23 -9.22 29.99
C ARG B 271 7.24 -9.07 28.48
N TYR B 272 6.09 -8.71 27.91
CA TYR B 272 5.94 -8.60 26.47
C TYR B 272 5.77 -7.15 26.06
N PHE B 273 6.34 -6.82 24.91
CA PHE B 273 6.33 -5.46 24.39
C PHE B 273 5.94 -5.46 22.92
N LEU B 274 5.20 -4.43 22.51
CA LEU B 274 4.93 -4.17 21.11
C LEU B 274 5.86 -3.06 20.72
N ASN B 275 6.80 -3.39 19.85
CA ASN B 275 7.80 -2.46 19.38
C ASN B 275 7.41 -2.10 17.95
N LEU B 276 6.93 -0.87 17.77
CA LEU B 276 6.66 -0.29 16.45
C LEU B 276 7.96 0.20 15.84
N VAL B 277 8.26 -0.19 14.60
CA VAL B 277 9.50 0.21 13.93
C VAL B 277 9.21 0.71 12.51
N LEU B 278 9.57 1.97 12.24
CA LEU B 278 9.61 2.53 10.89
C LEU B 278 11.05 2.52 10.40
N VAL B 279 11.25 2.31 9.10
CA VAL B 279 12.58 2.28 8.49
C VAL B 279 12.57 3.19 7.27
N ASP B 280 13.49 4.15 7.20
CA ASP B 280 13.56 5.09 6.06
C ASP B 280 14.43 4.56 4.90
N GLU B 281 14.57 5.34 3.82
CA GLU B 281 15.22 4.87 2.58
C GLU B 281 16.72 4.60 2.75
N GLU B 282 17.37 5.31 3.68
CA GLU B 282 18.77 5.07 3.99
C GLU B 282 18.97 4.08 5.16
N ASP B 283 17.99 3.21 5.38
CA ASP B 283 18.01 2.17 6.42
C ASP B 283 18.10 2.66 7.89
N ARG B 284 17.80 3.95 8.12
CA ARG B 284 17.69 4.47 9.49
C ARG B 284 16.35 4.01 10.08
N ARG B 285 16.34 3.73 11.38
CA ARG B 285 15.28 2.96 12.01
C ARG B 285 14.73 3.72 13.23
N TYR B 286 13.43 4.01 13.22
CA TYR B 286 12.77 4.80 14.26
C TYR B 286 11.74 3.93 14.95
N PHE B 287 11.74 3.91 16.29
CA PHE B 287 10.92 2.97 17.06
C PHE B 287 10.30 3.55 18.32
N LYS B 288 9.22 2.89 18.76
CA LYS B 288 8.65 3.08 20.10
C LYS B 288 8.15 1.75 20.65
N GLN B 289 8.37 1.55 21.94
CA GLN B 289 8.09 0.29 22.61
C GLN B 289 6.96 0.50 23.63
N GLN B 290 6.03 -0.44 23.69
CA GLN B 290 4.91 -0.38 24.64
C GLN B 290 4.67 -1.76 25.21
N GLU B 291 4.60 -1.86 26.54
CA GLU B 291 4.33 -3.14 27.18
C GLU B 291 2.86 -3.51 27.01
N ILE B 292 2.61 -4.81 26.83
CA ILE B 292 1.25 -5.34 26.85
C ILE B 292 1.25 -6.54 27.78
N ILE B 293 0.23 -6.65 28.62
CA ILE B 293 0.13 -7.81 29.50
C ILE B 293 -0.53 -8.91 28.68
N LEU B 294 0.14 -10.05 28.57
CA LEU B 294 -0.51 -11.24 28.06
C LEU B 294 -1.04 -12.05 29.24
N TRP B 295 -2.18 -12.74 29.03
CA TRP B 295 -2.78 -13.58 30.07
C TRP B 295 -3.45 -14.83 29.51
N ARG B 296 -3.49 -15.87 30.34
CA ARG B 296 -4.09 -17.14 29.94
C ARG B 296 -5.56 -17.13 30.32
N LYS B 297 -6.43 -17.21 29.30
CA LYS B 297 -7.87 -17.11 29.52
C LYS B 297 -8.43 -18.43 30.01
N ALA B 298 -9.22 -18.34 31.09
CA ALA B 298 -9.96 -19.47 31.62
C ALA B 298 -10.98 -19.93 30.60
N PRO B 299 -10.88 -21.18 30.09
CA PRO B 299 -11.95 -21.66 29.20
C PRO B 299 -13.28 -21.88 29.95
N GLU B 300 -14.40 -21.56 29.29
CA GLU B 300 -15.73 -21.63 29.92
C GLU B 300 -16.21 -23.07 30.07
N THR C 9 -20.60 -15.53 12.58
CA THR C 9 -19.43 -14.87 11.93
C THR C 9 -18.38 -15.89 11.51
N VAL C 10 -17.88 -15.74 10.29
CA VAL C 10 -16.84 -16.63 9.74
C VAL C 10 -15.44 -16.01 9.69
N ALA C 11 -15.37 -14.68 9.77
CA ALA C 11 -14.11 -13.95 9.60
C ALA C 11 -14.08 -12.74 10.52
N ASP C 12 -12.94 -12.55 11.18
CA ASP C 12 -12.72 -11.40 12.04
C ASP C 12 -12.27 -10.21 11.19
N THR C 13 -13.22 -9.31 10.90
CA THR C 13 -12.98 -8.17 10.03
C THR C 13 -12.90 -6.89 10.85
N ARG C 14 -12.28 -6.97 12.03
CA ARG C 14 -12.24 -5.83 12.92
C ARG C 14 -11.14 -4.86 12.50
N ARG C 15 -11.47 -3.58 12.57
CA ARG C 15 -10.52 -2.50 12.34
C ARG C 15 -10.97 -1.33 13.21
N LEU C 16 -10.07 -0.43 13.53
CA LEU C 16 -10.47 0.81 14.19
C LEU C 16 -11.01 1.77 13.13
N ILE C 17 -11.85 2.70 13.59
CA ILE C 17 -12.43 3.72 12.71
C ILE C 17 -11.30 4.65 12.28
N THR C 18 -11.32 5.06 11.01
CA THR C 18 -10.31 5.97 10.47
C THR C 18 -10.96 7.28 10.05
N LYS C 19 -10.22 8.38 10.23
CA LYS C 19 -10.63 9.69 9.75
C LYS C 19 -10.32 9.77 8.25
N PRO C 20 -11.32 10.11 7.41
CA PRO C 20 -11.05 10.35 6.00
C PRO C 20 -9.94 11.37 5.74
N GLN C 21 -9.07 11.05 4.80
CA GLN C 21 -7.96 11.91 4.43
C GLN C 21 -8.48 13.10 3.65
N ASN C 22 -8.03 14.30 4.04
CA ASN C 22 -8.34 15.53 3.32
C ASN C 22 -7.73 15.49 1.93
N LEU C 23 -8.49 15.90 0.93
CA LEU C 23 -8.05 15.74 -0.47
C LEU C 23 -6.80 16.55 -0.85
N ASN C 24 -6.57 17.67 -0.17
CA ASN C 24 -5.33 18.43 -0.34
C ASN C 24 -4.10 17.64 0.12
N ASP C 25 -4.24 16.83 1.17
CA ASP C 25 -3.15 15.95 1.62
C ASP C 25 -2.99 14.73 0.71
N ALA C 26 -4.11 14.12 0.30
CA ALA C 26 -4.10 12.96 -0.61
C ALA C 26 -3.33 13.22 -1.91
N TYR C 27 -3.66 14.34 -2.56
CA TYR C 27 -3.13 14.66 -3.88
C TYR C 27 -1.97 15.68 -3.90
N GLY C 28 -1.85 16.54 -2.89
CA GLY C 28 -0.75 17.52 -2.83
C GLY C 28 0.62 16.86 -2.81
N PRO C 29 1.68 17.58 -3.29
CA PRO C 29 3.02 16.96 -3.42
C PRO C 29 3.65 16.61 -2.05
N PRO C 30 4.34 15.45 -1.94
CA PRO C 30 4.86 15.06 -0.61
C PRO C 30 5.98 15.97 -0.09
N SER C 31 6.07 16.10 1.23
CA SER C 31 6.97 17.06 1.89
C SER C 31 8.32 16.49 2.36
N ASN C 32 8.80 15.45 1.65
CA ASN C 32 10.07 14.78 1.99
C ASN C 32 11.08 14.80 0.82
N PHE C 33 10.92 15.76 -0.11
CA PHE C 33 11.76 15.82 -1.32
C PHE C 33 13.15 16.32 -0.96
N LEU C 34 14.16 15.54 -1.33
CA LEU C 34 15.57 15.89 -1.10
C LEU C 34 16.49 15.03 -1.97
N GLU C 35 17.09 15.64 -3.00
CA GLU C 35 18.11 15.01 -3.81
C GLU C 35 19.31 15.95 -3.96
N ILE C 36 20.52 15.41 -3.85
CA ILE C 36 21.76 16.15 -3.98
C ILE C 36 22.64 15.43 -5.00
N ASP C 37 23.06 16.15 -6.05
CA ASP C 37 23.90 15.59 -7.11
C ASP C 37 25.30 16.15 -7.10
N VAL C 38 26.29 15.27 -6.97
CA VAL C 38 27.72 15.63 -7.09
C VAL C 38 28.11 15.33 -8.52
N SER C 39 28.55 16.35 -9.25
CA SER C 39 28.73 16.24 -10.70
C SER C 39 29.70 17.26 -11.28
N ASN C 40 30.19 16.94 -12.49
CA ASN C 40 31.04 17.83 -13.30
C ASN C 40 32.40 18.13 -12.65
N PRO C 41 33.36 17.18 -12.74
CA PRO C 41 34.68 17.37 -12.14
C PRO C 41 35.60 18.29 -12.95
N GLN C 42 36.26 19.23 -12.27
CA GLN C 42 37.15 20.23 -12.90
C GLN C 42 38.44 20.42 -12.09
N THR C 43 39.56 20.63 -12.80
CA THR C 43 40.87 20.92 -12.18
C THR C 43 41.06 22.44 -12.00
N VAL C 44 41.32 22.88 -10.77
CA VAL C 44 41.53 24.30 -10.44
C VAL C 44 43.01 24.52 -10.06
N GLY C 45 43.69 25.37 -10.84
CA GLY C 45 45.11 25.71 -10.61
C GLY C 45 46.02 25.14 -11.68
N VAL C 46 47.33 25.30 -11.49
CA VAL C 46 48.35 24.71 -12.38
C VAL C 46 49.54 24.18 -11.55
N GLY C 47 50.15 23.09 -12.02
CA GLY C 47 51.38 22.55 -11.42
C GLY C 47 51.20 21.87 -10.08
N ARG C 48 51.73 22.50 -9.02
CA ARG C 48 51.83 21.89 -7.68
C ARG C 48 50.56 22.07 -6.83
N GLY C 49 49.89 23.21 -6.99
CA GLY C 49 48.66 23.51 -6.25
C GLY C 49 47.38 23.20 -7.01
N ARG C 50 47.38 22.15 -7.83
CA ARG C 50 46.18 21.69 -8.53
C ARG C 50 45.31 20.85 -7.62
N PHE C 51 43.99 21.01 -7.76
CA PHE C 51 43.02 20.17 -7.05
C PHE C 51 41.73 20.10 -7.85
N THR C 52 40.96 19.04 -7.61
CA THR C 52 39.69 18.83 -8.29
C THR C 52 38.54 19.46 -7.48
N THR C 53 37.54 20.00 -8.19
CA THR C 53 36.28 20.47 -7.57
C THR C 53 35.05 19.89 -8.28
N TYR C 54 33.98 19.76 -7.51
CA TYR C 54 32.71 19.16 -7.97
C TYR C 54 31.54 20.10 -7.66
N GLU C 55 30.54 20.13 -8.55
CA GLU C 55 29.36 20.99 -8.38
C GLU C 55 28.28 20.28 -7.57
N ILE C 56 28.08 20.73 -6.34
CA ILE C 56 27.09 20.15 -5.43
C ILE C 56 25.76 20.87 -5.66
N ARG C 57 24.85 20.21 -6.37
CA ARG C 57 23.58 20.79 -6.81
C ARG C 57 22.41 20.16 -6.03
N VAL C 58 21.67 21.00 -5.28
CA VAL C 58 20.61 20.55 -4.36
C VAL C 58 19.21 20.94 -4.89
N LYS C 59 18.22 20.12 -4.56
CA LYS C 59 16.79 20.44 -4.78
C LYS C 59 15.99 19.91 -3.58
N THR C 60 15.07 20.73 -3.06
CA THR C 60 14.33 20.37 -1.83
C THR C 60 13.01 21.12 -1.63
N ASN C 61 12.17 20.56 -0.75
CA ASN C 61 10.98 21.24 -0.23
C ASN C 61 10.85 21.14 1.31
N LEU C 62 11.96 20.84 2.00
CA LEU C 62 11.98 20.79 3.46
C LEU C 62 12.17 22.22 4.01
N PRO C 63 11.38 22.60 5.04
CA PRO C 63 11.45 23.99 5.54
C PRO C 63 12.72 24.36 6.31
N ILE C 64 13.51 23.39 6.76
CA ILE C 64 14.78 23.66 7.48
C ILE C 64 15.90 24.24 6.59
N PHE C 65 15.89 23.88 5.30
CA PHE C 65 16.84 24.44 4.33
C PHE C 65 16.34 25.82 3.83
N LYS C 66 17.27 26.76 3.66
CA LYS C 66 16.92 28.15 3.34
C LYS C 66 16.53 28.35 1.88
N LEU C 67 17.25 27.71 0.96
CA LEU C 67 16.97 27.81 -0.47
C LEU C 67 16.43 26.47 -1.01
N LYS C 68 15.37 26.54 -1.81
CA LYS C 68 14.73 25.35 -2.41
C LYS C 68 15.61 24.73 -3.50
N GLU C 69 16.35 25.58 -4.22
CA GLU C 69 17.39 25.17 -5.16
C GLU C 69 18.70 25.91 -4.86
N SER C 70 19.83 25.21 -5.05
CA SER C 70 21.16 25.80 -4.89
C SER C 70 22.22 25.04 -5.70
N THR C 71 23.27 25.76 -6.08
CA THR C 71 24.41 25.18 -6.81
C THR C 71 25.71 25.84 -6.29
N VAL C 72 26.62 25.01 -5.76
CA VAL C 72 27.91 25.47 -5.20
C VAL C 72 29.05 24.54 -5.62
N ARG C 73 30.29 25.04 -5.52
CA ARG C 73 31.49 24.28 -5.89
C ARG C 73 32.26 23.87 -4.62
N ARG C 74 32.66 22.60 -4.55
CA ARG C 74 33.32 22.04 -3.36
C ARG C 74 34.59 21.23 -3.70
N ARG C 75 35.42 21.04 -2.68
CA ARG C 75 36.73 20.38 -2.74
C ARG C 75 36.67 19.14 -1.83
N TYR C 76 37.54 18.14 -2.05
CA TYR C 76 37.57 16.96 -1.17
C TYR C 76 37.88 17.28 0.30
N SER C 77 38.69 18.32 0.55
CA SER C 77 38.94 18.80 1.93
C SER C 77 37.68 19.39 2.57
N ASP C 78 36.82 20.03 1.77
CA ASP C 78 35.55 20.57 2.25
C ASP C 78 34.61 19.47 2.74
N PHE C 79 34.63 18.32 2.06
CA PHE C 79 33.95 17.11 2.52
C PHE C 79 34.55 16.57 3.83
N GLU C 80 35.88 16.55 3.91
CA GLU C 80 36.60 16.15 5.14
C GLU C 80 36.37 17.11 6.32
N TRP C 81 36.24 18.40 6.00
CA TRP C 81 35.92 19.43 6.99
C TRP C 81 34.51 19.25 7.57
N LEU C 82 33.55 18.93 6.70
CA LEU C 82 32.17 18.65 7.11
C LEU C 82 32.09 17.45 8.06
N ARG C 83 32.74 16.36 7.69
CA ARG C 83 32.71 15.11 8.47
C ARG C 83 33.36 15.26 9.86
N SER C 84 34.38 16.10 9.96
CA SER C 84 35.04 16.40 11.24
C SER C 84 34.18 17.32 12.12
N GLU C 85 33.46 18.26 11.51
CA GLU C 85 32.51 19.13 12.23
C GLU C 85 31.33 18.35 12.81
N LEU C 86 30.78 17.41 12.03
CA LEU C 86 29.65 16.58 12.47
C LEU C 86 30.03 15.54 13.54
N GLU C 87 31.20 14.93 13.41
CA GLU C 87 31.69 13.94 14.41
C GLU C 87 31.85 14.50 15.84
N ARG C 88 32.10 15.81 15.96
CA ARG C 88 32.38 16.45 17.26
C ARG C 88 31.10 16.87 18.02
N GLU C 89 30.18 17.57 17.34
CA GLU C 89 28.95 18.09 17.98
C GLU C 89 27.71 17.20 17.81
N SER C 90 27.49 16.70 16.60
CA SER C 90 26.18 16.13 16.19
C SER C 90 25.69 14.90 16.98
N LYS C 91 26.62 14.06 17.45
CA LYS C 91 26.31 12.73 18.01
C LYS C 91 25.56 11.83 17.01
N VAL C 92 25.93 11.96 15.74
CA VAL C 92 25.43 11.11 14.66
C VAL C 92 26.63 10.29 14.22
N VAL C 93 26.55 8.97 14.31
CA VAL C 93 27.59 8.10 13.73
C VAL C 93 27.64 8.36 12.22
N VAL C 94 28.64 9.16 11.79
CA VAL C 94 28.69 9.68 10.41
C VAL C 94 29.20 8.58 9.47
N PRO C 95 28.62 8.46 8.26
CA PRO C 95 29.14 7.47 7.30
C PRO C 95 30.50 7.86 6.73
N PRO C 96 31.25 6.88 6.16
CA PRO C 96 32.61 7.16 5.72
C PRO C 96 32.68 7.94 4.41
N LEU C 97 33.81 8.61 4.20
CA LEU C 97 34.13 9.25 2.91
C LEU C 97 34.79 8.23 1.99
N PRO C 98 34.92 8.53 0.68
CA PRO C 98 35.48 7.53 -0.25
C PRO C 98 36.97 7.23 -0.06
N GLY C 99 37.70 8.10 0.62
CA GLY C 99 39.06 7.81 1.08
C GLY C 99 40.06 8.85 0.64
N LYS C 100 40.95 9.21 1.57
CA LYS C 100 42.13 10.00 1.26
C LYS C 100 43.09 9.06 0.52
N ALA C 101 43.42 9.41 -0.72
CA ALA C 101 44.31 8.58 -1.55
C ALA C 101 45.71 9.20 -1.62
N PHE C 102 46.49 9.01 -0.56
CA PHE C 102 47.84 9.59 -0.47
C PHE C 102 48.81 9.01 -1.50
N LEU C 103 48.80 7.70 -1.69
CA LEU C 103 49.76 7.02 -2.59
C LEU C 103 49.56 7.34 -4.08
N ARG C 104 48.40 7.88 -4.45
CA ARG C 104 48.17 8.42 -5.80
C ARG C 104 48.90 9.74 -6.05
N GLN C 105 49.12 10.53 -5.00
CA GLN C 105 49.88 11.80 -5.11
C GLN C 105 51.39 11.61 -5.33
N LEU C 106 51.91 10.41 -5.08
CA LEU C 106 53.34 10.13 -5.27
C LEU C 106 53.70 10.14 -6.76
N PRO C 107 54.91 10.62 -7.10
CA PRO C 107 55.24 10.91 -8.48
C PRO C 107 55.61 9.66 -9.31
N PHE C 108 55.45 9.78 -10.63
CA PHE C 108 55.88 8.75 -11.59
C PHE C 108 55.18 7.40 -11.40
N ARG C 109 53.85 7.49 -11.28
CA ARG C 109 52.97 6.32 -11.32
C ARG C 109 52.72 5.91 -12.76
N GLY C 110 52.09 4.74 -12.92
CA GLY C 110 51.59 4.28 -14.22
C GLY C 110 50.18 4.76 -14.54
N ASP C 111 49.66 5.75 -13.81
CA ASP C 111 48.43 6.45 -14.18
C ASP C 111 48.60 7.96 -13.93
N ASP C 112 47.55 8.75 -14.16
CA ASP C 112 47.59 10.20 -13.93
C ASP C 112 47.34 10.59 -12.45
N GLY C 113 47.59 9.65 -11.53
CA GLY C 113 47.63 9.92 -10.10
C GLY C 113 46.26 10.24 -9.54
N ILE C 114 46.17 11.43 -8.93
CA ILE C 114 44.93 11.93 -8.34
C ILE C 114 43.97 12.48 -9.41
N PHE C 115 44.49 12.71 -10.63
CA PHE C 115 43.68 13.16 -11.79
C PHE C 115 43.40 12.05 -12.81
N ASP C 116 43.34 10.80 -12.33
CA ASP C 116 42.95 9.66 -13.14
C ASP C 116 41.43 9.68 -13.29
N ASP C 117 40.93 9.37 -14.50
CA ASP C 117 39.51 9.47 -14.81
C ASP C 117 38.66 8.45 -14.04
N ASN C 118 39.18 7.23 -13.92
CA ASN C 118 38.52 6.18 -13.13
C ASN C 118 38.54 6.48 -11.64
N PHE C 119 39.61 7.12 -11.17
CA PHE C 119 39.68 7.57 -9.77
C PHE C 119 38.65 8.65 -9.49
N ILE C 120 38.62 9.70 -10.32
CA ILE C 120 37.70 10.83 -10.15
C ILE C 120 36.24 10.36 -10.24
N GLU C 121 35.95 9.46 -11.17
CA GLU C 121 34.62 8.87 -11.31
C GLU C 121 34.18 8.17 -10.02
N GLU C 122 35.02 7.29 -9.50
CA GLU C 122 34.68 6.53 -8.29
C GLU C 122 34.61 7.42 -7.05
N ARG C 123 35.55 8.37 -6.94
CA ARG C 123 35.54 9.38 -5.88
C ARG C 123 34.21 10.14 -5.91
N LYS C 124 33.91 10.73 -7.06
CA LYS C 124 32.67 11.50 -7.30
C LYS C 124 31.41 10.76 -6.86
N GLN C 125 31.29 9.48 -7.25
CA GLN C 125 30.16 8.65 -6.85
C GLN C 125 30.10 8.42 -5.33
N GLY C 126 31.27 8.26 -4.71
CA GLY C 126 31.37 8.11 -3.26
C GLY C 126 31.00 9.35 -2.45
N LEU C 127 31.24 10.54 -3.04
CA LEU C 127 30.84 11.81 -2.43
C LEU C 127 29.31 11.97 -2.41
N GLU C 128 28.68 11.59 -3.53
CA GLU C 128 27.23 11.59 -3.68
C GLU C 128 26.58 10.59 -2.72
N GLN C 129 27.17 9.39 -2.63
CA GLN C 129 26.82 8.38 -1.61
C GLN C 129 26.85 8.94 -0.18
N PHE C 130 27.92 9.66 0.13
CA PHE C 130 28.12 10.27 1.45
C PHE C 130 27.10 11.38 1.73
N ILE C 131 27.09 12.39 0.86
CA ILE C 131 26.32 13.63 1.10
C ILE C 131 24.78 13.42 1.21
N ASN C 132 24.24 12.44 0.49
CA ASN C 132 22.81 12.10 0.59
C ASN C 132 22.44 11.43 1.92
N LYS C 133 23.30 10.53 2.41
CA LYS C 133 23.09 9.90 3.73
C LYS C 133 23.14 10.92 4.87
N VAL C 134 24.10 11.84 4.79
CA VAL C 134 24.29 12.86 5.82
C VAL C 134 23.19 13.93 5.79
N ALA C 135 22.87 14.44 4.59
CA ALA C 135 21.87 15.50 4.44
C ALA C 135 20.40 15.05 4.67
N GLY C 136 20.14 13.74 4.58
CA GLY C 136 18.83 13.17 4.92
C GLY C 136 18.60 12.85 6.40
N HIS C 137 19.67 12.88 7.19
CA HIS C 137 19.62 12.49 8.60
C HIS C 137 18.96 13.59 9.46
N PRO C 138 17.98 13.23 10.33
CA PRO C 138 17.26 14.24 11.14
C PRO C 138 18.13 15.12 12.06
N LEU C 139 18.96 14.51 12.90
CA LEU C 139 19.88 15.22 13.79
C LEU C 139 20.98 16.04 13.06
N ALA C 140 21.37 15.61 11.86
CA ALA C 140 22.38 16.32 11.06
C ALA C 140 21.83 17.60 10.41
N GLN C 141 20.52 17.62 10.11
CA GLN C 141 19.84 18.81 9.58
C GLN C 141 19.80 19.99 10.57
N ASN C 142 19.86 19.71 11.88
CA ASN C 142 19.96 20.75 12.92
C ASN C 142 21.30 21.48 12.97
N GLU C 143 22.38 20.81 12.56
CA GLU C 143 23.72 21.39 12.60
C GLU C 143 23.87 22.46 11.53
N ARG C 144 24.54 23.55 11.90
CA ARG C 144 24.76 24.70 11.01
C ARG C 144 25.80 24.40 9.91
N CYS C 145 26.72 23.45 10.18
CA CYS C 145 27.79 23.10 9.22
C CYS C 145 27.27 22.48 7.89
N LEU C 146 26.16 21.75 7.95
CA LEU C 146 25.53 21.16 6.76
C LEU C 146 24.95 22.21 5.81
N HIS C 147 24.23 23.18 6.38
CA HIS C 147 23.65 24.29 5.60
C HIS C 147 24.74 25.21 5.04
N MET C 148 25.79 25.39 5.84
CA MET C 148 26.99 26.13 5.43
C MET C 148 27.68 25.43 4.26
N PHE C 149 27.84 24.11 4.36
CA PHE C 149 28.48 23.31 3.32
C PHE C 149 27.66 23.23 2.03
N LEU C 150 26.36 22.99 2.15
CA LEU C 150 25.50 22.74 0.96
C LEU C 150 25.10 24.01 0.21
N GLN C 151 24.83 25.10 0.93
CA GLN C 151 24.13 26.28 0.37
C GLN C 151 24.85 27.63 0.42
N ASP C 152 25.81 27.83 1.34
CA ASP C 152 26.72 28.99 1.26
C ASP C 152 27.74 28.66 0.18
N GLU C 153 28.08 29.62 -0.69
CA GLU C 153 28.97 29.35 -1.83
C GLU C 153 30.44 29.13 -1.46
N ILE C 154 30.87 29.66 -0.31
CA ILE C 154 32.18 29.34 0.29
C ILE C 154 32.00 29.07 1.80
N ILE C 155 32.78 28.14 2.34
CA ILE C 155 32.67 27.76 3.75
C ILE C 155 33.36 28.78 4.65
N GLN D 3 25.82 -1.17 14.05
CA GLN D 3 25.72 -0.86 12.60
C GLN D 3 24.44 -0.08 12.20
N PRO D 4 23.23 -0.55 12.60
CA PRO D 4 22.00 0.16 12.21
C PRO D 4 21.63 1.28 13.18
N GLU D 5 21.37 2.49 12.67
CA GLU D 5 21.06 3.64 13.51
C GLU D 5 19.63 3.58 14.06
N LEU D 6 19.47 3.29 15.34
CA LEU D 6 18.16 3.31 16.00
C LEU D 6 17.89 4.69 16.59
N TYR D 7 16.64 5.15 16.50
CA TYR D 7 16.23 6.42 17.13
C TYR D 7 14.89 6.26 17.85
N LEU D 8 14.92 6.39 19.17
CA LEU D 8 13.71 6.34 19.97
C LEU D 8 12.84 7.53 19.63
N ASN D 10 10.31 10.24 20.50
CA ASN D 10 9.95 10.98 21.71
C ASN D 10 8.45 11.14 21.79
N THR D 11 7.93 11.26 23.01
CA THR D 11 6.54 11.60 23.24
C THR D 11 6.35 13.10 23.02
N SER D 13 3.94 16.38 24.00
CA SER D 13 3.05 16.75 25.10
C SER D 13 2.21 17.99 24.78
N HIS D 14 0.89 17.87 24.94
CA HIS D 14 -0.08 18.99 24.83
C HIS D 14 0.04 19.83 23.56
N HIS D 15 0.26 19.14 22.45
CA HIS D 15 0.54 19.74 21.15
C HIS D 15 -0.49 19.15 20.16
N HIS D 16 -1.33 20.03 19.59
CA HIS D 16 -2.52 19.64 18.83
C HIS D 16 -2.30 19.77 17.32
N HIS D 17 -3.12 19.06 16.54
CA HIS D 17 -3.12 19.17 15.06
C HIS D 17 -4.55 19.34 14.56
#